data_2KHJ
#
_entry.id   2KHJ
#
_entity_poly.entity_id   1
_entity_poly.type   'polypeptide(L)'
_entity_poly.pdbx_seq_one_letter_code
;MGSSHHHHHHSSGLVPRGSHMFNNWVALNKKGAIVTGKVTAVDAKGATVELADGVEGYLRASEASRDRVEDATLVLSVGD
EVEAKFTGVDRKNRAISLSVRAKDEADEK
;
_entity_poly.pdbx_strand_id   A
#
# COMPACT_ATOMS: atom_id res chain seq x y z
N MET A 21 1.09 -1.00 13.16
CA MET A 21 1.29 0.15 12.25
C MET A 21 0.47 1.32 12.68
N PHE A 22 -0.48 1.68 11.79
CA PHE A 22 -1.55 2.63 11.80
C PHE A 22 -2.55 2.50 12.96
N ASN A 23 -2.87 1.26 13.44
CA ASN A 23 -3.90 0.91 14.41
C ASN A 23 -3.84 1.74 15.74
N ASN A 24 -2.57 1.96 16.20
CA ASN A 24 -1.98 2.74 17.29
C ASN A 24 -1.88 4.24 17.00
N TRP A 25 -1.46 4.50 15.75
CA TRP A 25 -1.08 5.70 15.03
C TRP A 25 -2.15 6.72 14.78
N VAL A 26 -3.45 6.32 14.57
CA VAL A 26 -4.64 7.16 14.23
C VAL A 26 -4.84 8.38 15.16
N ALA A 27 -4.40 8.20 16.42
CA ALA A 27 -4.32 9.15 17.51
C ALA A 27 -3.18 10.19 17.37
N LEU A 28 -1.99 9.79 16.85
CA LEU A 28 -0.82 10.61 16.57
C LEU A 28 -0.64 11.12 15.11
N ASN A 29 -0.95 10.24 14.12
CA ASN A 29 -0.66 10.32 12.69
C ASN A 29 -1.90 10.17 11.80
N LYS A 30 -2.08 11.15 10.89
CA LYS A 30 -3.20 11.33 9.97
C LYS A 30 -2.92 11.00 8.50
N LYS A 31 -4.03 10.69 7.77
CA LYS A 31 -4.22 10.38 6.34
C LYS A 31 -3.90 11.53 5.37
N GLY A 32 -3.38 11.22 4.15
CA GLY A 32 -2.92 12.19 3.15
C GLY A 32 -1.42 12.28 3.02
N ALA A 33 -0.75 11.52 3.90
CA ALA A 33 0.67 11.34 4.12
C ALA A 33 1.12 10.15 3.32
N ILE A 34 2.43 9.90 3.23
CA ILE A 34 3.04 8.81 2.44
C ILE A 34 3.76 7.81 3.33
N VAL A 35 3.59 6.47 3.12
CA VAL A 35 4.11 5.50 4.07
C VAL A 35 4.74 4.46 3.20
N THR A 36 5.85 3.84 3.67
CA THR A 36 6.55 2.80 2.94
C THR A 36 6.14 1.45 3.43
N GLY A 37 5.73 0.58 2.49
CA GLY A 37 5.39 -0.80 2.82
C GLY A 37 6.14 -1.74 1.98
N LYS A 38 6.21 -3.00 2.48
CA LYS A 38 6.92 -4.12 1.87
C LYS A 38 6.10 -5.22 1.31
N VAL A 39 6.38 -5.64 0.04
CA VAL A 39 5.60 -6.65 -0.70
C VAL A 39 5.70 -8.03 -0.05
N THR A 40 4.62 -8.82 0.09
CA THR A 40 4.72 -10.04 0.90
C THR A 40 3.66 -11.11 0.67
N ALA A 41 2.39 -10.74 0.28
CA ALA A 41 1.26 -11.65 0.20
C ALA A 41 0.31 -11.13 -0.84
N VAL A 42 -0.51 -12.02 -1.46
CA VAL A 42 -1.39 -11.63 -2.58
C VAL A 42 -2.91 -11.77 -2.37
N ASP A 43 -3.67 -10.82 -2.99
CA ASP A 43 -5.12 -10.74 -3.13
C ASP A 43 -5.40 -11.12 -4.58
N ALA A 44 -6.66 -11.36 -5.00
CA ALA A 44 -7.02 -11.73 -6.38
C ALA A 44 -6.64 -10.69 -7.46
N LYS A 45 -6.85 -9.40 -7.11
CA LYS A 45 -6.50 -8.18 -7.81
C LYS A 45 -5.31 -7.47 -7.12
N GLY A 46 -4.78 -8.07 -6.02
CA GLY A 46 -4.06 -7.35 -5.00
C GLY A 46 -2.75 -7.89 -4.60
N ALA A 47 -2.09 -7.02 -3.82
CA ALA A 47 -0.92 -7.28 -3.04
C ALA A 47 -1.23 -6.64 -1.71
N THR A 48 -1.00 -7.40 -0.62
CA THR A 48 -1.13 -6.95 0.76
C THR A 48 0.33 -6.77 1.18
N VAL A 49 0.66 -5.50 1.45
CA VAL A 49 2.00 -4.97 1.64
C VAL A 49 2.20 -4.80 3.13
N GLU A 50 3.35 -5.26 3.69
CA GLU A 50 3.65 -5.28 5.12
C GLU A 50 4.17 -3.96 5.63
N LEU A 51 3.41 -3.47 6.64
CA LEU A 51 3.41 -2.13 7.13
C LEU A 51 3.72 -2.07 8.64
N ALA A 52 3.98 -3.26 9.23
CA ALA A 52 4.50 -3.53 10.57
C ALA A 52 3.60 -3.44 11.79
N ASP A 53 4.05 -4.19 12.83
CA ASP A 53 3.38 -4.50 14.10
C ASP A 53 2.26 -5.50 13.84
N GLY A 54 2.41 -6.27 12.73
CA GLY A 54 1.50 -7.30 12.26
C GLY A 54 0.65 -6.92 11.08
N VAL A 55 0.16 -5.65 11.00
CA VAL A 55 -0.82 -5.24 10.00
C VAL A 55 -0.26 -4.70 8.66
N GLU A 56 -1.03 -5.00 7.59
CA GLU A 56 -0.77 -4.70 6.18
C GLU A 56 -1.64 -3.59 5.64
N GLY A 57 -1.16 -2.90 4.57
CA GLY A 57 -1.96 -1.90 3.84
C GLY A 57 -2.33 -2.44 2.47
N TYR A 58 -2.30 -1.64 1.38
CA TYR A 58 -2.66 -2.07 0.03
C TYR A 58 -1.58 -1.72 -0.99
N LEU A 59 -1.29 -2.67 -1.91
CA LEU A 59 -0.39 -2.43 -3.02
C LEU A 59 -1.07 -2.97 -4.27
N ARG A 60 -1.09 -2.14 -5.34
CA ARG A 60 -1.65 -2.37 -6.67
C ARG A 60 -0.72 -3.20 -7.56
N ALA A 61 -1.30 -3.87 -8.59
CA ALA A 61 -0.70 -4.77 -9.59
C ALA A 61 0.51 -4.27 -10.39
N SER A 62 0.64 -2.92 -10.54
CA SER A 62 1.75 -2.16 -11.15
C SER A 62 3.06 -2.21 -10.37
N GLU A 63 3.04 -2.58 -9.05
CA GLU A 63 4.17 -2.73 -8.12
C GLU A 63 4.81 -1.42 -7.64
N ALA A 64 5.21 -0.56 -8.60
CA ALA A 64 5.73 0.78 -8.44
C ALA A 64 6.11 1.31 -9.82
N SER A 65 7.40 1.15 -10.24
CA SER A 65 8.01 1.69 -11.49
C SER A 65 8.58 3.09 -11.19
N ARG A 66 7.96 4.13 -11.79
CA ARG A 66 8.29 5.55 -11.76
C ARG A 66 7.36 6.24 -12.75
N ASP A 67 7.05 5.56 -13.89
CA ASP A 67 6.19 6.12 -14.92
C ASP A 67 5.19 5.07 -15.44
N ARG A 68 5.62 4.17 -16.35
CA ARG A 68 4.75 3.16 -16.94
C ARG A 68 5.62 1.99 -17.37
N VAL A 69 4.97 0.81 -17.53
CA VAL A 69 5.42 -0.53 -17.88
C VAL A 69 6.32 -1.11 -16.81
N GLU A 70 7.62 -1.16 -17.10
CA GLU A 70 8.62 -1.53 -16.12
C GLU A 70 9.54 -0.30 -15.94
N ASP A 71 9.80 0.18 -14.69
CA ASP A 71 10.85 1.10 -14.28
C ASP A 71 11.51 0.26 -13.25
N ALA A 72 11.41 0.71 -11.99
CA ALA A 72 11.69 -0.02 -10.75
C ALA A 72 11.10 -1.45 -10.58
N THR A 73 10.13 -1.91 -11.46
CA THR A 73 9.36 -3.17 -11.43
C THR A 73 10.22 -4.43 -11.52
N LEU A 74 11.43 -4.32 -12.12
CA LEU A 74 12.47 -5.34 -12.16
C LEU A 74 13.35 -5.42 -10.90
N VAL A 75 13.41 -4.33 -10.08
CA VAL A 75 14.30 -4.18 -8.92
C VAL A 75 13.61 -3.97 -7.63
N LEU A 76 12.30 -4.31 -7.59
CA LEU A 76 11.70 -4.50 -6.31
C LEU A 76 10.95 -5.81 -6.48
N SER A 77 11.22 -6.58 -5.44
CA SER A 77 10.88 -7.94 -5.07
C SER A 77 9.95 -8.00 -3.89
N VAL A 78 9.33 -9.19 -3.69
CA VAL A 78 8.60 -9.58 -2.48
C VAL A 78 9.56 -9.59 -1.24
N GLY A 79 9.21 -8.81 -0.20
CA GLY A 79 9.99 -8.44 0.98
C GLY A 79 10.68 -7.10 0.87
N ASP A 80 10.59 -6.39 -0.30
CA ASP A 80 11.20 -5.09 -0.55
C ASP A 80 10.08 -4.07 -0.59
N GLU A 81 10.39 -2.83 -0.17
CA GLU A 81 9.47 -1.74 0.05
C GLU A 81 9.44 -0.58 -0.93
N VAL A 82 8.24 0.07 -1.03
CA VAL A 82 7.95 1.22 -1.88
C VAL A 82 7.07 2.15 -1.07
N GLU A 83 6.99 3.45 -1.48
CA GLU A 83 6.22 4.52 -0.85
C GLU A 83 4.87 4.70 -1.50
N ALA A 84 3.79 4.70 -0.69
CA ALA A 84 2.42 4.71 -1.17
C ALA A 84 1.79 5.78 -0.38
N LYS A 85 0.58 6.14 -0.76
CA LYS A 85 -0.15 7.28 -0.27
C LYS A 85 -1.07 6.74 0.78
N PHE A 86 -1.27 7.47 1.90
CA PHE A 86 -2.07 6.98 3.03
C PHE A 86 -3.45 7.57 2.79
N THR A 87 -4.35 6.68 2.26
CA THR A 87 -5.63 7.05 1.66
C THR A 87 -6.76 7.21 2.66
N GLY A 88 -7.14 6.07 3.27
CA GLY A 88 -8.24 5.92 4.20
C GLY A 88 -8.13 4.60 4.94
N VAL A 89 -8.91 4.46 6.04
CA VAL A 89 -8.98 3.30 6.93
C VAL A 89 -10.40 2.81 6.96
N ASP A 90 -10.58 1.47 7.01
CA ASP A 90 -11.86 0.83 7.18
C ASP A 90 -12.02 0.57 8.66
N ARG A 91 -13.16 1.01 9.24
CA ARG A 91 -13.50 1.01 10.65
C ARG A 91 -13.70 -0.35 11.29
N LYS A 92 -14.20 -1.33 10.48
CA LYS A 92 -14.48 -2.71 10.83
C LYS A 92 -13.24 -3.59 10.85
N ASN A 93 -12.21 -3.26 10.04
CA ASN A 93 -10.98 -4.05 9.93
C ASN A 93 -9.83 -3.40 10.71
N ARG A 94 -10.03 -2.11 11.09
CA ARG A 94 -9.19 -1.16 11.84
C ARG A 94 -7.76 -0.92 11.29
N ALA A 95 -7.64 -0.97 9.95
CA ALA A 95 -6.48 -0.89 9.14
C ALA A 95 -6.74 0.06 7.98
N ILE A 96 -5.59 0.43 7.38
CA ILE A 96 -5.24 1.37 6.33
C ILE A 96 -5.15 0.75 4.95
N SER A 97 -5.65 1.54 3.97
CA SER A 97 -5.65 1.32 2.54
C SER A 97 -4.65 2.32 1.96
N LEU A 98 -3.67 1.78 1.23
CA LEU A 98 -2.58 2.50 0.60
C LEU A 98 -2.78 2.44 -0.90
N SER A 99 -2.63 3.60 -1.58
CA SER A 99 -2.60 3.66 -3.05
C SER A 99 -1.12 3.91 -3.38
N VAL A 100 -0.44 3.09 -4.18
CA VAL A 100 1.02 2.95 -4.41
C VAL A 100 2.02 4.08 -4.71
N ARG A 101 1.41 5.19 -5.11
CA ARG A 101 1.90 6.28 -5.93
C ARG A 101 2.76 7.38 -5.36
N ALA A 102 2.39 7.86 -4.15
CA ALA A 102 2.89 9.02 -3.41
C ALA A 102 1.75 10.04 -3.27
N LYS A 103 1.35 10.76 -4.34
CA LYS A 103 0.32 11.81 -4.25
C LYS A 103 -1.09 11.34 -4.57
N ASP A 104 -1.29 10.61 -5.71
CA ASP A 104 -2.57 10.06 -6.19
C ASP A 104 -3.51 11.12 -6.78
N GLU A 105 -4.11 11.98 -5.91
CA GLU A 105 -5.03 13.05 -6.27
C GLU A 105 -4.32 14.37 -6.60
N ALA A 106 -3.40 14.32 -7.58
CA ALA A 106 -2.64 15.47 -8.05
C ALA A 106 -2.27 15.22 -9.49
N ASP A 107 -3.32 15.06 -10.33
CA ASP A 107 -3.22 14.76 -11.76
C ASP A 107 -3.94 15.78 -12.63
N GLU A 108 -4.81 16.63 -12.04
CA GLU A 108 -5.63 17.64 -12.71
C GLU A 108 -6.60 18.15 -11.66
N LYS A 109 -7.15 17.17 -10.89
CA LYS A 109 -8.12 17.28 -9.82
C LYS A 109 -9.54 17.42 -10.39
N MET A 21 -2.91 -3.88 13.94
CA MET A 21 -2.04 -3.14 12.98
C MET A 21 -2.10 -1.69 13.27
N PHE A 22 -2.57 -0.93 12.26
CA PHE A 22 -2.98 0.46 12.18
C PHE A 22 -3.99 0.83 13.25
N ASN A 23 -4.84 -0.13 13.74
CA ASN A 23 -6.03 0.05 14.58
C ASN A 23 -5.78 0.98 15.83
N ASN A 24 -4.52 0.85 16.33
CA ASN A 24 -3.65 1.49 17.31
C ASN A 24 -2.98 2.83 16.92
N TRP A 25 -2.63 2.96 15.62
CA TRP A 25 -1.87 3.96 14.86
C TRP A 25 -2.59 5.27 14.65
N VAL A 26 -3.94 5.26 14.51
CA VAL A 26 -4.92 6.36 14.24
C VAL A 26 -4.78 7.58 15.16
N ALA A 27 -4.33 7.32 16.41
CA ALA A 27 -3.99 8.25 17.46
C ALA A 27 -2.61 8.92 17.27
N LEU A 28 -1.61 8.19 16.72
CA LEU A 28 -0.25 8.62 16.43
C LEU A 28 0.00 9.11 14.99
N ASN A 29 -0.61 8.45 13.98
CA ASN A 29 -0.41 8.64 12.55
C ASN A 29 -1.74 8.92 11.83
N LYS A 30 -1.77 10.03 11.04
CA LYS A 30 -2.89 10.51 10.24
C LYS A 30 -2.75 10.24 8.73
N LYS A 31 -3.91 10.19 8.02
CA LYS A 31 -4.19 9.98 6.60
C LYS A 31 -3.81 11.15 5.69
N GLY A 32 -3.35 10.85 4.44
CA GLY A 32 -2.82 11.81 3.46
C GLY A 32 -1.33 11.76 3.33
N ALA A 33 -0.74 10.91 4.19
CA ALA A 33 0.66 10.70 4.46
C ALA A 33 1.19 9.57 3.63
N ILE A 34 2.53 9.41 3.59
CA ILE A 34 3.24 8.42 2.79
C ILE A 34 3.83 7.36 3.71
N VAL A 35 3.72 6.03 3.42
CA VAL A 35 4.22 5.02 4.34
C VAL A 35 4.95 4.05 3.48
N THR A 36 6.05 3.43 3.95
CA THR A 36 6.81 2.47 3.12
C THR A 36 6.45 1.07 3.52
N GLY A 37 6.09 0.23 2.53
CA GLY A 37 5.73 -1.15 2.82
C GLY A 37 6.27 -2.11 1.85
N LYS A 38 6.32 -3.40 2.29
CA LYS A 38 6.90 -4.54 1.61
C LYS A 38 5.97 -5.60 1.18
N VAL A 39 6.23 -6.12 -0.05
CA VAL A 39 5.41 -7.18 -0.72
C VAL A 39 5.45 -8.55 0.00
N THR A 40 4.27 -9.17 0.31
CA THR A 40 4.18 -10.42 1.09
C THR A 40 3.34 -11.54 0.49
N ALA A 41 2.12 -11.25 0.00
CA ALA A 41 1.21 -12.25 -0.53
C ALA A 41 0.32 -11.46 -1.40
N VAL A 42 -0.21 -12.09 -2.47
CA VAL A 42 -1.04 -11.40 -3.47
C VAL A 42 -2.46 -11.93 -3.64
N ASP A 43 -3.41 -11.01 -3.97
CA ASP A 43 -4.81 -11.24 -4.32
C ASP A 43 -4.89 -11.05 -5.83
N ALA A 44 -5.99 -11.38 -6.53
CA ALA A 44 -6.19 -11.22 -7.98
C ALA A 44 -5.91 -9.82 -8.58
N LYS A 45 -6.40 -8.76 -7.88
CA LYS A 45 -6.13 -7.36 -8.11
C LYS A 45 -5.21 -6.83 -7.02
N GLY A 46 -4.81 -7.72 -6.05
CA GLY A 46 -4.30 -7.35 -4.76
C GLY A 46 -2.88 -7.66 -4.51
N ALA A 47 -2.33 -6.89 -3.58
CA ALA A 47 -1.05 -7.13 -2.99
C ALA A 47 -1.35 -6.78 -1.57
N THR A 48 -0.93 -7.67 -0.64
CA THR A 48 -1.00 -7.43 0.79
C THR A 48 0.44 -7.06 1.13
N VAL A 49 0.61 -5.79 1.57
CA VAL A 49 1.90 -5.17 1.83
C VAL A 49 2.09 -5.14 3.35
N GLU A 50 3.34 -5.43 3.84
CA GLU A 50 3.73 -5.34 5.25
C GLU A 50 4.29 -3.94 5.50
N LEU A 51 3.74 -3.23 6.50
CA LEU A 51 3.95 -1.83 6.82
C LEU A 51 4.85 -1.61 8.02
N ALA A 52 5.18 -2.70 8.76
CA ALA A 52 6.13 -2.78 9.86
C ALA A 52 5.72 -2.22 11.21
N ASP A 53 6.30 -2.80 12.30
CA ASP A 53 5.96 -2.58 13.71
C ASP A 53 4.67 -3.35 14.08
N GLY A 54 4.25 -4.26 13.14
CA GLY A 54 3.07 -5.11 13.24
C GLY A 54 1.87 -4.61 12.46
N VAL A 55 2.06 -3.71 11.47
CA VAL A 55 1.00 -3.16 10.62
C VAL A 55 1.10 -3.69 9.19
N GLU A 56 -0.07 -3.89 8.54
CA GLU A 56 -0.29 -4.31 7.17
C GLU A 56 -1.20 -3.34 6.50
N GLY A 57 -1.14 -3.21 5.14
CA GLY A 57 -2.14 -2.37 4.44
C GLY A 57 -2.34 -2.82 3.00
N TYR A 58 -2.73 -1.91 2.05
CA TYR A 58 -2.97 -2.21 0.62
C TYR A 58 -1.94 -1.68 -0.37
N LEU A 59 -1.61 -2.53 -1.37
CA LEU A 59 -0.83 -2.12 -2.53
C LEU A 59 -1.72 -2.52 -3.71
N ARG A 60 -2.17 -1.59 -4.58
CA ARG A 60 -3.03 -1.87 -5.76
C ARG A 60 -2.24 -2.39 -6.95
N ALA A 61 -2.73 -3.47 -7.65
CA ALA A 61 -2.09 -4.11 -8.80
C ALA A 61 -2.04 -3.23 -10.05
N SER A 62 -3.17 -2.56 -10.42
CA SER A 62 -3.32 -1.57 -11.51
C SER A 62 -2.46 -0.30 -11.41
N GLU A 63 -1.93 -0.01 -10.21
CA GLU A 63 -1.05 1.10 -9.89
C GLU A 63 0.37 0.59 -9.61
N ALA A 64 0.80 -0.54 -10.20
CA ALA A 64 2.12 -1.09 -9.97
C ALA A 64 2.49 -1.99 -11.12
N SER A 65 1.73 -3.08 -11.34
CA SER A 65 1.97 -4.08 -12.36
C SER A 65 0.91 -4.15 -13.44
N ARG A 66 -0.39 -4.11 -13.04
CA ARG A 66 -1.61 -4.39 -13.77
C ARG A 66 -1.97 -5.85 -13.49
N ASP A 67 -3.11 -6.33 -14.04
CA ASP A 67 -3.59 -7.70 -13.93
C ASP A 67 -3.78 -8.31 -15.32
N ARG A 68 -3.44 -7.55 -16.40
CA ARG A 68 -3.58 -7.95 -17.80
C ARG A 68 -2.28 -7.73 -18.58
N VAL A 69 -1.18 -7.30 -17.92
CA VAL A 69 0.11 -7.03 -18.51
C VAL A 69 1.06 -6.95 -17.31
N GLU A 70 2.34 -6.65 -17.59
CA GLU A 70 3.44 -6.44 -16.69
C GLU A 70 3.81 -4.94 -16.76
N ASP A 71 3.97 -4.22 -15.61
CA ASP A 71 4.43 -2.86 -15.46
C ASP A 71 5.65 -3.10 -14.63
N ALA A 72 5.61 -2.63 -13.39
CA ALA A 72 6.52 -2.90 -12.30
C ALA A 72 6.76 -4.37 -11.87
N THR A 73 6.00 -5.42 -12.34
CA THR A 73 5.91 -6.79 -11.79
C THR A 73 7.22 -7.58 -11.73
N LEU A 74 8.15 -7.26 -12.66
CA LEU A 74 9.51 -7.76 -12.74
C LEU A 74 10.48 -7.02 -11.79
N VAL A 75 10.10 -5.78 -11.35
CA VAL A 75 10.87 -4.89 -10.47
C VAL A 75 10.29 -4.76 -9.12
N LEU A 76 9.40 -5.72 -8.78
CA LEU A 76 8.99 -5.82 -7.43
C LEU A 76 9.18 -7.29 -7.19
N SER A 77 9.85 -7.52 -6.06
CA SER A 77 10.06 -8.77 -5.38
C SER A 77 9.31 -8.78 -4.07
N VAL A 78 9.07 -9.99 -3.49
CA VAL A 78 8.47 -10.27 -2.19
C VAL A 78 9.50 -9.96 -1.08
N GLY A 79 9.12 -9.10 -0.09
CA GLY A 79 10.00 -8.57 0.94
C GLY A 79 10.69 -7.27 0.57
N ASP A 80 10.48 -6.76 -0.68
CA ASP A 80 11.03 -5.53 -1.22
C ASP A 80 9.94 -4.50 -1.04
N GLU A 81 10.34 -3.30 -0.56
CA GLU A 81 9.45 -2.22 -0.18
C GLU A 81 9.49 -1.02 -1.10
N VAL A 82 8.33 -0.34 -1.14
CA VAL A 82 7.98 0.83 -1.95
C VAL A 82 7.16 1.78 -1.07
N GLU A 83 7.08 3.08 -1.46
CA GLU A 83 6.38 4.18 -0.77
C GLU A 83 4.98 4.39 -1.32
N ALA A 84 3.94 4.32 -0.46
CA ALA A 84 2.55 4.30 -0.92
C ALA A 84 1.88 5.35 -0.11
N LYS A 85 0.67 5.67 -0.52
CA LYS A 85 -0.11 6.81 -0.03
C LYS A 85 -1.08 6.25 0.96
N PHE A 86 -1.10 6.84 2.21
CA PHE A 86 -1.93 6.34 3.33
C PHE A 86 -3.20 7.19 3.28
N THR A 87 -4.32 6.58 2.76
CA THR A 87 -5.44 7.42 2.33
C THR A 87 -6.69 7.30 3.17
N GLY A 88 -7.15 6.06 3.45
CA GLY A 88 -8.39 5.85 4.19
C GLY A 88 -8.40 4.54 4.92
N VAL A 89 -9.23 4.46 5.98
CA VAL A 89 -9.46 3.29 6.84
C VAL A 89 -10.89 2.87 6.74
N ASP A 90 -11.13 1.54 6.75
CA ASP A 90 -12.44 0.93 6.72
C ASP A 90 -12.85 0.71 8.18
N ARG A 91 -14.04 1.18 8.61
CA ARG A 91 -14.48 1.16 10.00
C ARG A 91 -14.82 -0.22 10.58
N LYS A 92 -15.33 -1.14 9.73
CA LYS A 92 -15.80 -2.50 10.04
C LYS A 92 -14.74 -3.48 10.53
N ASN A 93 -13.52 -3.48 9.94
CA ASN A 93 -12.41 -4.30 10.43
C ASN A 93 -11.35 -3.42 11.10
N ARG A 94 -11.44 -2.07 10.91
CA ARG A 94 -10.54 -1.02 11.39
C ARG A 94 -9.11 -1.10 10.86
N ALA A 95 -8.95 -1.16 9.52
CA ALA A 95 -7.71 -1.28 8.81
C ALA A 95 -7.68 -0.25 7.70
N ILE A 96 -6.45 -0.03 7.21
CA ILE A 96 -5.94 0.90 6.20
C ILE A 96 -5.76 0.40 4.78
N SER A 97 -6.16 1.31 3.85
CA SER A 97 -6.11 1.27 2.42
C SER A 97 -5.06 2.26 2.02
N LEU A 98 -4.13 1.79 1.17
CA LEU A 98 -3.08 2.57 0.60
C LEU A 98 -3.11 2.32 -0.88
N SER A 99 -2.76 3.35 -1.68
CA SER A 99 -2.41 3.16 -3.09
C SER A 99 -0.91 3.35 -3.20
N VAL A 100 -0.19 2.53 -3.95
CA VAL A 100 1.26 2.36 -4.17
C VAL A 100 2.20 3.54 -4.50
N ARG A 101 1.52 4.61 -4.91
CA ARG A 101 1.89 5.76 -5.73
C ARG A 101 2.61 6.91 -5.08
N ALA A 102 2.47 7.05 -3.74
CA ALA A 102 3.03 8.12 -2.89
C ALA A 102 2.27 9.44 -3.02
N LYS A 103 2.69 10.24 -4.01
CA LYS A 103 2.09 11.50 -4.40
C LYS A 103 1.89 11.50 -5.91
N ASP A 104 1.87 10.27 -6.52
CA ASP A 104 1.67 9.98 -7.95
C ASP A 104 2.86 10.31 -8.84
N GLU A 105 4.08 9.88 -8.43
CA GLU A 105 5.38 10.10 -9.10
C GLU A 105 5.83 11.57 -9.09
N ALA A 106 6.18 12.13 -10.28
CA ALA A 106 6.58 13.51 -10.47
C ALA A 106 5.94 13.96 -11.77
N ASP A 107 4.59 13.99 -11.80
CA ASP A 107 3.78 14.42 -12.93
C ASP A 107 2.68 15.32 -12.42
N GLU A 108 3.00 16.07 -11.34
CA GLU A 108 2.12 16.98 -10.64
C GLU A 108 2.92 18.21 -10.21
N LYS A 109 4.24 18.05 -9.93
CA LYS A 109 5.16 19.08 -9.56
C LYS A 109 6.52 18.48 -9.96
N MET A 21 1.86 -0.34 13.12
CA MET A 21 1.70 0.67 12.02
C MET A 21 0.77 1.80 12.32
N PHE A 22 -0.20 2.12 11.39
CA PHE A 22 -1.26 3.13 11.48
C PHE A 22 -2.09 3.03 12.76
N ASN A 23 -2.41 1.77 13.20
CA ASN A 23 -3.29 1.37 14.28
C ASN A 23 -2.98 2.09 15.64
N ASN A 24 -1.64 2.19 15.95
CA ASN A 24 -0.89 2.95 16.98
C ASN A 24 -0.65 4.45 16.71
N TRP A 25 -0.09 4.67 15.49
CA TRP A 25 0.41 5.84 14.78
C TRP A 25 -0.60 6.94 14.59
N VAL A 26 -1.90 6.59 14.42
CA VAL A 26 -3.11 7.42 14.24
C VAL A 26 -3.28 8.55 15.28
N ALA A 27 -2.78 8.32 16.52
CA ALA A 27 -2.69 9.27 17.61
C ALA A 27 -1.59 10.35 17.43
N LEU A 28 -0.40 9.95 16.86
CA LEU A 28 0.74 10.82 16.58
C LEU A 28 0.84 11.39 15.15
N ASN A 29 0.50 10.56 14.13
CA ASN A 29 0.65 10.79 12.70
C ASN A 29 -0.64 10.59 11.92
N LYS A 30 -0.85 11.49 10.93
CA LYS A 30 -1.99 11.60 10.06
C LYS A 30 -1.80 11.18 8.60
N LYS A 31 -2.97 10.83 7.99
CA LYS A 31 -3.33 10.50 6.61
C LYS A 31 -3.24 11.70 5.65
N GLY A 32 -2.90 11.45 4.36
CA GLY A 32 -2.45 12.45 3.38
C GLY A 32 -0.98 12.38 3.11
N ALA A 33 -0.32 11.49 3.86
CA ALA A 33 1.10 11.23 3.93
C ALA A 33 1.40 10.01 3.10
N ILE A 34 2.67 9.89 2.62
CA ILE A 34 3.16 8.82 1.77
C ILE A 34 4.25 8.04 2.46
N VAL A 35 4.28 6.67 2.43
CA VAL A 35 5.30 5.96 3.21
C VAL A 35 5.69 4.80 2.38
N THR A 36 6.86 4.19 2.65
CA THR A 36 7.29 2.99 1.97
C THR A 36 6.94 1.78 2.80
N GLY A 37 6.25 0.79 2.18
CA GLY A 37 5.86 -0.46 2.86
C GLY A 37 6.32 -1.66 2.10
N LYS A 38 6.27 -2.86 2.73
CA LYS A 38 6.86 -4.07 2.15
C LYS A 38 5.94 -5.14 1.66
N VAL A 39 6.28 -5.76 0.48
CA VAL A 39 5.49 -6.83 -0.14
C VAL A 39 5.60 -8.19 0.59
N THR A 40 4.45 -8.86 0.90
CA THR A 40 4.36 -10.10 1.69
C THR A 40 3.54 -11.27 1.13
N ALA A 41 2.35 -11.03 0.52
CA ALA A 41 1.49 -12.11 0.08
C ALA A 41 0.63 -11.50 -0.99
N VAL A 42 0.41 -12.21 -2.11
CA VAL A 42 -0.28 -11.68 -3.30
C VAL A 42 -1.59 -12.35 -3.71
N ASP A 43 -2.50 -11.51 -4.28
CA ASP A 43 -3.78 -11.85 -4.92
C ASP A 43 -3.56 -11.70 -6.41
N ALA A 44 -4.49 -12.11 -7.31
CA ALA A 44 -4.37 -11.94 -8.77
C ALA A 44 -4.29 -10.45 -9.24
N LYS A 45 -5.12 -9.61 -8.57
CA LYS A 45 -5.29 -8.18 -8.62
C LYS A 45 -4.64 -7.51 -7.41
N GLY A 46 -4.01 -8.33 -6.51
CA GLY A 46 -3.55 -7.92 -5.20
C GLY A 46 -2.10 -8.15 -4.95
N ALA A 47 -1.56 -7.29 -4.11
CA ALA A 47 -0.29 -7.45 -3.46
C ALA A 47 -0.59 -6.87 -2.12
N THR A 48 -0.24 -7.59 -1.03
CA THR A 48 -0.51 -7.13 0.33
C THR A 48 0.80 -6.62 0.90
N VAL A 49 0.75 -5.38 1.45
CA VAL A 49 1.89 -4.66 1.97
C VAL A 49 1.81 -4.77 3.46
N GLU A 50 2.95 -5.11 4.11
CA GLU A 50 3.08 -5.19 5.54
C GLU A 50 3.61 -3.87 6.04
N LEU A 51 2.89 -3.38 7.05
CA LEU A 51 3.11 -2.14 7.73
C LEU A 51 3.54 -2.45 9.15
N ALA A 52 3.01 -3.58 9.72
CA ALA A 52 3.32 -4.21 11.02
C ALA A 52 2.44 -3.84 12.20
N ASP A 53 2.50 -4.71 13.24
CA ASP A 53 1.71 -4.78 14.48
C ASP A 53 0.57 -5.79 14.28
N GLY A 54 0.56 -6.50 13.12
CA GLY A 54 -0.49 -7.45 12.73
C GLY A 54 -1.32 -6.92 11.60
N VAL A 55 -1.39 -5.57 11.48
CA VAL A 55 -2.15 -4.82 10.50
C VAL A 55 -1.37 -4.53 9.20
N GLU A 56 -2.08 -4.69 8.06
CA GLU A 56 -1.62 -4.66 6.68
C GLU A 56 -2.44 -3.68 5.85
N GLY A 57 -1.85 -3.15 4.73
CA GLY A 57 -2.56 -2.22 3.82
C GLY A 57 -2.67 -2.85 2.45
N TYR A 58 -3.05 -2.10 1.37
CA TYR A 58 -3.20 -2.66 0.01
C TYR A 58 -2.22 -2.14 -1.06
N LEU A 59 -1.65 -3.01 -1.93
CA LEU A 59 -1.00 -2.48 -3.14
C LEU A 59 -1.66 -3.06 -4.40
N ARG A 60 -2.14 -2.16 -5.31
CA ARG A 60 -2.87 -2.48 -6.54
C ARG A 60 -2.04 -2.92 -7.73
N ALA A 61 -2.57 -3.97 -8.45
CA ALA A 61 -2.08 -4.53 -9.71
C ALA A 61 -2.21 -3.60 -10.92
N SER A 62 -3.26 -2.75 -10.87
CA SER A 62 -3.64 -1.69 -11.80
C SER A 62 -2.75 -0.46 -11.77
N GLU A 63 -1.98 -0.30 -10.66
CA GLU A 63 -1.04 0.77 -10.41
C GLU A 63 0.39 0.25 -10.44
N ALA A 64 0.74 -0.80 -9.65
CA ALA A 64 2.10 -1.32 -9.55
C ALA A 64 2.39 -2.47 -10.51
N SER A 65 2.43 -2.13 -11.82
CA SER A 65 2.77 -3.05 -12.89
C SER A 65 3.46 -2.23 -13.97
N ARG A 66 4.24 -2.93 -14.84
CA ARG A 66 4.87 -2.38 -16.04
C ARG A 66 4.27 -3.01 -17.31
N ASP A 67 3.42 -4.08 -17.17
CA ASP A 67 2.76 -4.81 -18.24
C ASP A 67 1.39 -5.31 -17.73
N ARG A 68 0.79 -6.30 -18.44
CA ARG A 68 -0.47 -6.97 -18.12
C ARG A 68 -0.20 -8.47 -18.02
N VAL A 69 -1.24 -9.30 -17.69
CA VAL A 69 -1.21 -10.77 -17.47
C VAL A 69 -0.70 -11.11 -16.07
N GLU A 70 0.58 -10.75 -15.83
CA GLU A 70 1.30 -10.73 -14.56
C GLU A 70 1.33 -9.21 -14.35
N ASP A 71 0.94 -8.69 -13.16
CA ASP A 71 0.77 -7.30 -12.85
C ASP A 71 1.82 -7.10 -11.83
N ALA A 72 1.32 -6.86 -10.61
CA ALA A 72 2.06 -6.92 -9.36
C ALA A 72 2.81 -8.24 -9.08
N THR A 73 2.54 -9.34 -9.87
CA THR A 73 3.36 -10.55 -9.84
C THR A 73 4.66 -10.42 -10.64
N LEU A 74 4.74 -9.54 -11.69
CA LEU A 74 5.96 -9.26 -12.46
C LEU A 74 6.95 -8.27 -11.84
N VAL A 75 6.44 -7.16 -11.25
CA VAL A 75 7.24 -6.05 -10.74
C VAL A 75 7.21 -5.86 -9.28
N LEU A 76 6.74 -6.88 -8.53
CA LEU A 76 7.03 -6.75 -7.12
C LEU A 76 7.59 -8.08 -6.71
N SER A 77 8.69 -7.94 -5.99
CA SER A 77 9.38 -9.00 -5.25
C SER A 77 8.96 -8.90 -3.79
N VAL A 78 8.73 -10.06 -3.12
CA VAL A 78 8.33 -10.21 -1.72
C VAL A 78 9.52 -9.94 -0.78
N GLY A 79 9.36 -8.98 0.17
CA GLY A 79 10.45 -8.50 1.01
C GLY A 79 11.02 -7.18 0.56
N ASP A 80 10.52 -6.63 -0.58
CA ASP A 80 10.96 -5.36 -1.16
C ASP A 80 9.86 -4.36 -0.95
N GLU A 81 10.24 -3.07 -0.85
CA GLU A 81 9.35 -1.97 -0.57
C GLU A 81 9.05 -1.03 -1.74
N VAL A 82 7.85 -0.39 -1.68
CA VAL A 82 7.35 0.62 -2.62
C VAL A 82 6.66 1.69 -1.78
N GLU A 83 6.51 2.92 -2.33
CA GLU A 83 5.92 4.10 -1.69
C GLU A 83 4.47 4.23 -2.01
N ALA A 84 3.58 4.42 -1.01
CA ALA A 84 2.13 4.47 -1.26
C ALA A 84 1.59 5.63 -0.49
N LYS A 85 0.34 5.99 -0.83
CA LYS A 85 -0.39 7.17 -0.33
C LYS A 85 -1.35 6.76 0.71
N PHE A 86 -1.32 7.38 1.94
CA PHE A 86 -2.18 6.97 3.08
C PHE A 86 -3.38 7.89 3.07
N THR A 87 -4.60 7.37 2.78
CA THR A 87 -5.74 8.28 2.61
C THR A 87 -7.01 7.53 2.95
N GLY A 88 -7.06 6.98 4.18
CA GLY A 88 -8.27 6.37 4.74
C GLY A 88 -7.98 5.20 5.65
N VAL A 89 -8.86 5.00 6.66
CA VAL A 89 -8.88 3.91 7.63
C VAL A 89 -10.25 3.27 7.65
N ASP A 90 -10.24 1.93 7.80
CA ASP A 90 -11.40 1.08 7.95
C ASP A 90 -11.57 0.86 9.44
N ARG A 91 -12.77 1.11 10.01
CA ARG A 91 -13.07 0.98 11.44
C ARG A 91 -13.12 -0.46 12.00
N LYS A 92 -13.36 -1.47 11.13
CA LYS A 92 -13.49 -2.89 11.44
C LYS A 92 -12.17 -3.60 11.78
N ASN A 93 -11.06 -3.30 11.07
CA ASN A 93 -9.76 -3.91 11.35
C ASN A 93 -8.81 -2.89 12.01
N ARG A 94 -9.19 -1.56 12.00
CA ARG A 94 -8.39 -0.41 12.48
C ARG A 94 -7.09 -0.23 11.69
N ALA A 95 -7.22 -0.44 10.36
CA ALA A 95 -6.24 -0.51 9.35
C ALA A 95 -6.62 0.46 8.26
N ILE A 96 -5.61 0.71 7.45
CA ILE A 96 -5.36 1.69 6.40
C ILE A 96 -5.70 1.23 4.99
N SER A 97 -6.31 2.17 4.23
CA SER A 97 -6.64 2.11 2.83
C SER A 97 -5.71 3.14 2.21
N LEU A 98 -4.82 2.62 1.36
CA LEU A 98 -3.74 3.32 0.75
C LEU A 98 -3.60 2.77 -0.62
N SER A 99 -3.23 3.64 -1.56
CA SER A 99 -2.97 3.32 -2.97
C SER A 99 -1.49 3.39 -3.20
N VAL A 100 -0.85 2.56 -4.03
CA VAL A 100 0.59 2.49 -4.40
C VAL A 100 1.44 3.71 -4.84
N ARG A 101 0.70 4.78 -5.16
CA ARG A 101 1.02 5.91 -6.05
C ARG A 101 1.86 7.09 -5.58
N ALA A 102 1.62 7.60 -4.34
CA ALA A 102 2.15 8.83 -3.74
C ALA A 102 1.18 10.02 -3.81
N LYS A 103 -0.03 9.85 -4.40
CA LYS A 103 -1.07 10.88 -4.45
C LYS A 103 -2.40 10.24 -4.90
N ASP A 104 -3.55 10.62 -4.26
CA ASP A 104 -4.90 10.20 -4.63
C ASP A 104 -5.85 11.15 -3.91
N GLU A 105 -7.17 11.11 -4.19
CA GLU A 105 -8.16 11.95 -3.54
C GLU A 105 -9.38 11.09 -3.41
N ALA A 106 -10.22 11.31 -2.36
CA ALA A 106 -11.49 10.63 -2.13
C ALA A 106 -12.57 11.33 -2.95
N ASP A 107 -13.16 10.58 -3.92
CA ASP A 107 -14.14 11.00 -4.94
C ASP A 107 -13.54 10.71 -6.32
N GLU A 108 -12.19 10.55 -6.41
CA GLU A 108 -11.47 10.11 -7.61
C GLU A 108 -11.43 8.58 -7.61
N LYS A 109 -11.31 8.07 -6.37
CA LYS A 109 -11.39 6.71 -5.92
C LYS A 109 -11.93 6.85 -4.46
N MET A 21 -3.36 -4.87 12.98
CA MET A 21 -2.33 -4.09 12.25
C MET A 21 -2.37 -2.66 12.68
N PHE A 22 -2.89 -1.73 11.81
CA PHE A 22 -3.09 -0.30 12.01
C PHE A 22 -3.98 0.03 13.16
N ASN A 23 -4.99 -0.84 13.51
CA ASN A 23 -6.08 -0.58 14.46
C ASN A 23 -5.58 0.00 15.85
N ASN A 24 -4.32 -0.40 16.22
CA ASN A 24 -3.43 0.01 17.30
C ASN A 24 -2.70 1.36 17.03
N TRP A 25 -2.08 1.47 15.83
CA TRP A 25 -1.29 2.53 15.17
C TRP A 25 -2.04 3.85 15.01
N VAL A 26 -3.39 3.75 14.78
CA VAL A 26 -4.39 4.82 14.59
C VAL A 26 -4.39 5.93 15.64
N ALA A 27 -4.04 5.59 16.91
CA ALA A 27 -3.92 6.52 18.03
C ALA A 27 -2.59 7.32 18.02
N LEU A 28 -1.54 6.75 17.38
CA LEU A 28 -0.21 7.30 17.22
C LEU A 28 0.06 8.03 15.90
N ASN A 29 -0.47 7.49 14.75
CA ASN A 29 -0.15 7.91 13.39
C ASN A 29 -1.31 8.56 12.61
N LYS A 30 -0.99 9.52 11.70
CA LYS A 30 -1.96 10.33 10.94
C LYS A 30 -2.11 9.96 9.47
N LYS A 31 -3.37 10.00 8.94
CA LYS A 31 -3.76 9.92 7.54
C LYS A 31 -3.41 11.22 6.78
N GLY A 32 -3.01 11.12 5.48
CA GLY A 32 -2.47 12.25 4.69
C GLY A 32 -0.98 12.16 4.50
N ALA A 33 -0.40 11.14 5.15
CA ALA A 33 1.01 10.85 5.31
C ALA A 33 1.43 9.80 4.30
N ILE A 34 2.75 9.58 4.16
CA ILE A 34 3.36 8.64 3.22
C ILE A 34 4.13 7.55 3.94
N VAL A 35 4.02 6.25 3.55
CA VAL A 35 4.62 5.19 4.35
C VAL A 35 5.41 4.36 3.40
N THR A 36 6.33 3.52 3.92
CA THR A 36 7.15 2.62 3.12
C THR A 36 6.73 1.25 3.54
N GLY A 37 6.43 0.32 2.58
CA GLY A 37 6.12 -1.07 2.96
C GLY A 37 6.77 -2.10 2.10
N LYS A 38 6.57 -3.40 2.45
CA LYS A 38 7.09 -4.53 1.67
C LYS A 38 6.09 -5.58 1.33
N VAL A 39 6.24 -6.19 0.13
CA VAL A 39 5.27 -7.18 -0.43
C VAL A 39 5.44 -8.56 0.21
N THR A 40 4.36 -9.12 0.81
CA THR A 40 4.43 -10.35 1.63
C THR A 40 3.40 -11.42 1.25
N ALA A 41 2.30 -11.09 0.52
CA ALA A 41 1.28 -12.08 0.17
C ALA A 41 0.53 -11.48 -0.96
N VAL A 42 -0.08 -12.30 -1.83
CA VAL A 42 -0.84 -11.82 -2.99
C VAL A 42 -2.33 -12.20 -2.96
N ASP A 43 -3.23 -11.28 -3.43
CA ASP A 43 -4.66 -11.46 -3.65
C ASP A 43 -4.87 -11.56 -5.14
N ALA A 44 -6.07 -11.95 -5.64
CA ALA A 44 -6.43 -12.03 -7.07
C ALA A 44 -6.34 -10.70 -7.84
N LYS A 45 -6.74 -9.60 -7.15
CA LYS A 45 -6.64 -8.20 -7.55
C LYS A 45 -5.53 -7.49 -6.76
N GLY A 46 -4.84 -8.25 -5.86
CA GLY A 46 -4.15 -7.68 -4.72
C GLY A 46 -2.73 -8.07 -4.54
N ALA A 47 -2.10 -7.25 -3.72
CA ALA A 47 -0.82 -7.45 -3.12
C ALA A 47 -1.09 -6.89 -1.76
N THR A 48 -0.70 -7.66 -0.73
CA THR A 48 -0.81 -7.24 0.66
C THR A 48 0.61 -6.95 1.08
N VAL A 49 0.78 -5.71 1.61
CA VAL A 49 2.03 -5.08 1.93
C VAL A 49 2.12 -4.96 3.42
N GLU A 50 3.33 -5.26 3.98
CA GLU A 50 3.70 -5.14 5.38
C GLU A 50 4.26 -3.73 5.55
N LEU A 51 3.69 -2.93 6.46
CA LEU A 51 3.91 -1.50 6.64
C LEU A 51 4.67 -1.14 7.90
N ALA A 52 5.12 -2.17 8.65
CA ALA A 52 5.97 -2.11 9.84
C ALA A 52 5.36 -1.58 11.12
N ASP A 53 6.03 -1.85 12.28
CA ASP A 53 5.55 -1.60 13.66
C ASP A 53 4.45 -2.59 14.06
N GLY A 54 4.22 -3.60 13.17
CA GLY A 54 3.13 -4.58 13.18
C GLY A 54 1.95 -4.19 12.32
N VAL A 55 2.10 -3.18 11.42
CA VAL A 55 1.09 -2.64 10.51
C VAL A 55 1.11 -3.25 9.12
N GLU A 56 -0.08 -3.39 8.50
CA GLU A 56 -0.36 -3.88 7.15
C GLU A 56 -1.23 -2.94 6.38
N GLY A 57 -1.13 -2.99 5.02
CA GLY A 57 -2.14 -2.29 4.18
C GLY A 57 -2.23 -2.91 2.81
N TYR A 58 -2.62 -2.13 1.75
CA TYR A 58 -2.78 -2.56 0.34
C TYR A 58 -1.73 -2.11 -0.69
N LEU A 59 -1.31 -3.02 -1.60
CA LEU A 59 -0.55 -2.62 -2.77
C LEU A 59 -1.43 -2.99 -3.95
N ARG A 60 -1.87 -1.99 -4.76
CA ARG A 60 -2.84 -2.20 -5.84
C ARG A 60 -2.25 -2.77 -7.13
N ALA A 61 -2.89 -3.81 -7.74
CA ALA A 61 -2.52 -4.42 -9.02
C ALA A 61 -2.85 -3.54 -10.24
N SER A 62 -3.87 -2.66 -10.05
CA SER A 62 -4.40 -1.65 -10.95
C SER A 62 -3.54 -0.40 -11.05
N GLU A 63 -2.81 -0.03 -9.96
CA GLU A 63 -1.93 1.14 -9.91
C GLU A 63 -0.45 0.79 -10.01
N ALA A 64 0.01 -0.34 -9.39
CA ALA A 64 1.41 -0.74 -9.34
C ALA A 64 1.99 -1.37 -10.63
N SER A 65 1.12 -1.99 -11.47
CA SER A 65 1.48 -2.68 -12.71
C SER A 65 1.51 -1.81 -13.97
N ARG A 66 1.47 -2.46 -15.18
CA ARG A 66 1.41 -1.80 -16.47
C ARG A 66 0.06 -2.06 -17.15
N ASP A 67 -0.80 -2.87 -16.47
CA ASP A 67 -2.15 -3.32 -16.86
C ASP A 67 -2.15 -4.32 -18.02
N ARG A 68 -1.67 -5.57 -17.77
CA ARG A 68 -1.54 -6.62 -18.75
C ARG A 68 -1.97 -7.94 -18.14
N VAL A 69 -1.44 -9.12 -18.59
CA VAL A 69 -1.83 -10.48 -18.17
C VAL A 69 -1.37 -10.89 -16.76
N GLU A 70 -0.18 -10.38 -16.38
CA GLU A 70 0.42 -10.43 -15.06
C GLU A 70 0.46 -8.93 -14.72
N ASP A 71 -0.01 -8.49 -13.53
CA ASP A 71 -0.01 -7.18 -12.95
C ASP A 71 1.13 -7.30 -11.99
N ALA A 72 0.80 -7.25 -10.70
CA ALA A 72 1.66 -7.57 -9.58
C ALA A 72 2.41 -8.91 -9.62
N THR A 73 2.06 -9.88 -10.53
CA THR A 73 2.81 -11.12 -10.71
C THR A 73 4.08 -10.97 -11.52
N LEU A 74 4.14 -9.95 -12.43
CA LEU A 74 5.29 -9.67 -13.27
C LEU A 74 6.43 -8.88 -12.64
N VAL A 75 6.12 -7.82 -11.86
CA VAL A 75 7.14 -6.95 -11.29
C VAL A 75 7.06 -6.80 -9.85
N LEU A 76 6.31 -7.69 -9.15
CA LEU A 76 6.52 -7.62 -7.72
C LEU A 76 6.70 -9.04 -7.27
N SER A 77 7.75 -9.14 -6.45
CA SER A 77 8.16 -10.31 -5.70
C SER A 77 7.95 -10.09 -4.22
N VAL A 78 7.88 -11.18 -3.41
CA VAL A 78 7.70 -11.23 -1.99
C VAL A 78 9.01 -10.84 -1.30
N GLY A 79 8.98 -9.78 -0.46
CA GLY A 79 10.20 -9.22 0.14
C GLY A 79 10.68 -7.98 -0.58
N ASP A 80 9.99 -7.56 -1.68
CA ASP A 80 10.30 -6.39 -2.49
C ASP A 80 9.45 -5.23 -2.01
N GLU A 81 10.07 -4.03 -1.92
CA GLU A 81 9.46 -2.84 -1.35
C GLU A 81 8.67 -1.92 -2.28
N VAL A 82 7.68 -1.17 -1.70
CA VAL A 82 6.82 -0.22 -2.36
C VAL A 82 6.68 0.94 -1.40
N GLU A 83 6.23 2.13 -1.87
CA GLU A 83 5.93 3.29 -1.01
C GLU A 83 4.50 3.72 -1.28
N ALA A 84 3.73 4.18 -0.26
CA ALA A 84 2.30 4.49 -0.55
C ALA A 84 1.89 5.68 0.22
N LYS A 85 0.69 6.16 -0.13
CA LYS A 85 0.03 7.33 0.42
C LYS A 85 -0.99 6.81 1.42
N PHE A 86 -1.03 7.34 2.67
CA PHE A 86 -1.85 6.82 3.78
C PHE A 86 -3.10 7.68 3.82
N THR A 87 -4.27 7.16 3.35
CA THR A 87 -5.41 8.07 3.10
C THR A 87 -6.58 7.85 4.02
N GLY A 88 -6.90 6.58 4.37
CA GLY A 88 -8.03 6.32 5.26
C GLY A 88 -8.07 4.93 5.83
N VAL A 89 -9.11 4.67 6.67
CA VAL A 89 -9.44 3.40 7.29
C VAL A 89 -10.86 3.07 6.92
N ASP A 90 -11.12 1.78 6.60
CA ASP A 90 -12.46 1.28 6.32
C ASP A 90 -12.87 0.59 7.59
N ARG A 91 -14.08 0.93 8.14
CA ARG A 91 -14.58 0.43 9.43
C ARG A 91 -14.98 -1.05 9.44
N LYS A 92 -15.17 -1.64 8.23
CA LYS A 92 -15.48 -3.03 7.93
C LYS A 92 -14.28 -3.96 8.14
N ASN A 93 -13.03 -3.51 7.84
CA ASN A 93 -11.85 -4.35 8.05
C ASN A 93 -11.10 -3.98 9.32
N ARG A 94 -11.43 -2.77 9.87
CA ARG A 94 -10.75 -2.05 10.95
C ARG A 94 -9.27 -1.76 10.61
N ALA A 95 -9.00 -1.54 9.29
CA ALA A 95 -7.77 -1.48 8.60
C ALA A 95 -7.71 -0.30 7.66
N ILE A 96 -6.47 -0.03 7.20
CA ILE A 96 -5.95 1.05 6.36
C ILE A 96 -5.91 0.75 4.88
N SER A 97 -6.31 1.81 4.13
CA SER A 97 -6.35 1.95 2.70
C SER A 97 -5.32 3.02 2.43
N LEU A 98 -4.30 2.56 1.69
CA LEU A 98 -3.17 3.30 1.25
C LEU A 98 -3.02 2.87 -0.14
N SER A 99 -2.83 3.87 -0.99
CA SER A 99 -2.70 3.73 -2.43
C SER A 99 -1.24 3.98 -2.78
N VAL A 100 -0.61 3.31 -3.76
CA VAL A 100 0.81 3.30 -4.18
C VAL A 100 1.64 4.60 -4.40
N ARG A 101 0.85 5.65 -4.47
CA ARG A 101 0.93 6.94 -5.14
C ARG A 101 2.03 7.94 -4.84
N ALA A 102 2.66 7.92 -3.63
CA ALA A 102 3.74 8.83 -3.19
C ALA A 102 3.30 10.29 -2.92
N LYS A 103 2.71 10.95 -3.94
CA LYS A 103 2.20 12.30 -3.84
C LYS A 103 1.20 12.50 -4.95
N ASP A 104 0.04 11.79 -4.87
CA ASP A 104 -1.06 11.85 -5.82
C ASP A 104 -2.21 11.16 -5.10
N GLU A 105 -3.46 11.37 -5.55
CA GLU A 105 -4.69 10.79 -5.04
C GLU A 105 -5.59 10.63 -6.25
N ALA A 106 -6.89 10.30 -6.06
CA ALA A 106 -7.89 10.16 -7.11
C ALA A 106 -9.12 10.92 -6.63
N ASP A 107 -10.01 11.32 -7.57
CA ASP A 107 -11.25 12.12 -7.39
C ASP A 107 -10.98 13.60 -7.66
N GLU A 108 -9.70 14.00 -7.57
CA GLU A 108 -9.17 15.33 -7.83
C GLU A 108 -7.86 15.10 -8.57
N LYS A 109 -7.95 14.95 -9.90
CA LYS A 109 -6.89 14.73 -10.86
C LYS A 109 -7.64 14.77 -12.21
N MET A 21 -3.16 -4.06 13.80
CA MET A 21 -2.24 -3.29 12.92
C MET A 21 -2.35 -1.82 13.15
N PHE A 22 -2.66 -1.03 12.08
CA PHE A 22 -2.90 0.41 12.00
C PHE A 22 -3.89 0.93 13.02
N ASN A 23 -4.90 0.09 13.43
CA ASN A 23 -6.10 0.47 14.19
C ASN A 23 -5.80 1.33 15.50
N ASN A 24 -4.60 1.04 16.10
CA ASN A 24 -3.77 1.61 17.16
C ASN A 24 -2.90 2.85 16.82
N TRP A 25 -2.44 2.90 15.56
CA TRP A 25 -1.49 3.78 14.87
C TRP A 25 -1.97 5.19 14.65
N VAL A 26 -3.31 5.39 14.43
CA VAL A 26 -4.06 6.63 14.07
C VAL A 26 -3.76 7.84 14.97
N ALA A 27 -3.47 7.52 16.24
CA ALA A 27 -3.05 8.39 17.33
C ALA A 27 -1.60 8.87 17.21
N LEU A 28 -0.66 8.01 16.72
CA LEU A 28 0.73 8.36 16.49
C LEU A 28 1.03 8.77 15.04
N ASN A 29 0.44 8.07 14.04
CA ASN A 29 0.53 8.33 12.62
C ASN A 29 -0.86 8.42 12.00
N LYS A 30 -1.18 9.53 11.30
CA LYS A 30 -2.45 9.82 10.64
C LYS A 30 -2.40 9.76 9.11
N LYS A 31 -3.60 9.53 8.51
CA LYS A 31 -4.02 9.49 7.11
C LYS A 31 -3.70 10.75 6.28
N GLY A 32 -3.36 10.61 4.97
CA GLY A 32 -2.97 11.72 4.08
C GLY A 32 -1.49 11.78 3.79
N ALA A 33 -0.77 10.85 4.42
CA ALA A 33 0.66 10.74 4.53
C ALA A 33 1.18 9.62 3.65
N ILE A 34 2.51 9.49 3.55
CA ILE A 34 3.20 8.45 2.79
C ILE A 34 3.78 7.46 3.77
N VAL A 35 3.65 6.12 3.56
CA VAL A 35 4.11 5.17 4.58
C VAL A 35 4.86 4.15 3.81
N THR A 36 5.94 3.59 4.40
CA THR A 36 6.86 2.68 3.72
C THR A 36 6.56 1.24 4.08
N GLY A 37 6.41 0.35 3.06
CA GLY A 37 6.28 -1.09 3.36
C GLY A 37 6.82 -2.00 2.31
N LYS A 38 6.76 -3.33 2.58
CA LYS A 38 7.22 -4.37 1.65
C LYS A 38 6.20 -5.40 1.29
N VAL A 39 6.38 -5.96 0.05
CA VAL A 39 5.46 -6.97 -0.53
C VAL A 39 5.62 -8.36 0.08
N THR A 40 4.49 -9.00 0.50
CA THR A 40 4.52 -10.28 1.21
C THR A 40 3.44 -11.30 0.82
N ALA A 41 2.36 -10.92 0.09
CA ALA A 41 1.25 -11.82 -0.19
C ALA A 41 0.43 -11.20 -1.28
N VAL A 42 -0.31 -12.00 -2.06
CA VAL A 42 -1.16 -11.50 -3.15
C VAL A 42 -2.65 -11.76 -2.95
N ASP A 43 -3.52 -10.79 -3.34
CA ASP A 43 -4.98 -10.88 -3.42
C ASP A 43 -5.29 -10.96 -4.90
N ALA A 44 -6.54 -11.27 -5.34
CA ALA A 44 -6.94 -11.38 -6.76
C ALA A 44 -6.70 -10.11 -7.63
N LYS A 45 -7.02 -8.94 -7.04
CA LYS A 45 -6.79 -7.57 -7.50
C LYS A 45 -5.67 -6.94 -6.66
N GLY A 46 -5.11 -7.71 -5.68
CA GLY A 46 -4.33 -7.19 -4.60
C GLY A 46 -2.92 -7.62 -4.49
N ALA A 47 -2.19 -6.80 -3.73
CA ALA A 47 -0.89 -7.06 -3.22
C ALA A 47 -1.11 -6.58 -1.81
N THR A 48 -0.68 -7.44 -0.85
CA THR A 48 -0.75 -7.14 0.56
C THR A 48 0.67 -6.78 0.96
N VAL A 49 0.81 -5.54 1.50
CA VAL A 49 2.09 -4.97 1.85
C VAL A 49 2.18 -4.99 3.35
N GLU A 50 3.38 -5.32 3.91
CA GLU A 50 3.67 -5.28 5.34
C GLU A 50 4.30 -3.93 5.64
N LEU A 51 3.75 -3.18 6.63
CA LEU A 51 4.08 -1.82 6.98
C LEU A 51 4.88 -1.72 8.27
N ALA A 52 5.13 -2.87 8.95
CA ALA A 52 5.95 -3.03 10.15
C ALA A 52 5.41 -2.57 11.48
N ASP A 53 6.03 -3.07 12.59
CA ASP A 53 5.61 -2.90 14.00
C ASP A 53 4.31 -3.68 14.31
N GLY A 54 3.89 -4.50 13.32
CA GLY A 54 2.63 -5.23 13.27
C GLY A 54 1.59 -4.57 12.37
N VAL A 55 1.95 -3.54 11.55
CA VAL A 55 1.04 -2.86 10.63
C VAL A 55 1.03 -3.47 9.23
N GLU A 56 -0.15 -3.54 8.59
CA GLU A 56 -0.42 -3.98 7.22
C GLU A 56 -1.22 -2.97 6.45
N GLY A 57 -1.12 -2.95 5.08
CA GLY A 57 -2.08 -2.14 4.31
C GLY A 57 -2.21 -2.66 2.89
N TYR A 58 -2.57 -1.79 1.90
CA TYR A 58 -2.79 -2.11 0.48
C TYR A 58 -1.73 -1.64 -0.51
N LEU A 59 -1.42 -2.50 -1.48
CA LEU A 59 -0.67 -2.14 -2.67
C LEU A 59 -1.60 -2.52 -3.83
N ARG A 60 -2.03 -1.56 -4.71
CA ARG A 60 -2.98 -1.81 -5.81
C ARG A 60 -2.37 -2.43 -7.08
N ALA A 61 -3.05 -3.47 -7.67
CA ALA A 61 -2.65 -4.13 -8.92
C ALA A 61 -2.89 -3.30 -10.20
N SER A 62 -3.87 -2.35 -10.17
CA SER A 62 -4.20 -1.42 -11.24
C SER A 62 -3.18 -0.28 -11.41
N GLU A 63 -2.35 -0.01 -10.37
CA GLU A 63 -1.35 1.04 -10.33
C GLU A 63 0.08 0.50 -10.39
N ALA A 64 0.36 -0.69 -9.77
CA ALA A 64 1.68 -1.29 -9.71
C ALA A 64 1.97 -2.42 -10.73
N SER A 65 0.94 -2.97 -11.43
CA SER A 65 1.14 -4.09 -12.37
C SER A 65 1.26 -3.69 -13.83
N ARG A 66 2.14 -4.44 -14.53
CA ARG A 66 2.31 -4.44 -15.96
C ARG A 66 1.82 -5.83 -16.32
N ASP A 67 0.71 -5.92 -17.10
CA ASP A 67 -0.01 -7.15 -17.41
C ASP A 67 0.53 -7.90 -18.61
N ARG A 68 1.35 -8.96 -18.39
CA ARG A 68 1.92 -9.74 -19.47
C ARG A 68 2.26 -11.11 -18.89
N VAL A 69 1.26 -12.03 -18.74
CA VAL A 69 1.32 -13.36 -18.09
C VAL A 69 1.39 -13.27 -16.56
N GLU A 70 2.35 -12.45 -16.09
CA GLU A 70 2.66 -11.97 -14.77
C GLU A 70 1.97 -10.58 -14.70
N ASP A 71 1.53 -10.13 -13.49
CA ASP A 71 0.88 -8.86 -13.18
C ASP A 71 1.90 -8.38 -12.22
N ALA A 72 1.49 -8.26 -10.95
CA ALA A 72 2.34 -8.03 -9.80
C ALA A 72 3.49 -9.03 -9.60
N THR A 73 3.53 -10.22 -10.30
CA THR A 73 4.68 -11.10 -10.35
C THR A 73 5.85 -10.54 -11.18
N LEU A 74 5.55 -9.63 -12.17
CA LEU A 74 6.52 -9.04 -13.08
C LEU A 74 7.37 -7.88 -12.56
N VAL A 75 6.74 -6.92 -11.83
CA VAL A 75 7.43 -5.74 -11.31
C VAL A 75 7.21 -5.55 -9.86
N LEU A 76 6.73 -6.62 -9.20
CA LEU A 76 6.87 -6.63 -7.77
C LEU A 76 7.43 -8.01 -7.51
N SER A 77 8.45 -7.97 -6.66
CA SER A 77 9.06 -9.10 -6.01
C SER A 77 8.67 -9.02 -4.54
N VAL A 78 8.33 -10.18 -3.90
CA VAL A 78 7.99 -10.34 -2.50
C VAL A 78 9.25 -10.27 -1.64
N GLY A 79 9.28 -9.31 -0.68
CA GLY A 79 10.48 -8.94 0.06
C GLY A 79 11.03 -7.61 -0.38
N ASP A 80 10.40 -6.97 -1.42
CA ASP A 80 10.83 -5.67 -1.94
C ASP A 80 9.78 -4.63 -1.57
N GLU A 81 10.27 -3.39 -1.39
CA GLU A 81 9.57 -2.22 -0.89
C GLU A 81 8.90 -1.27 -1.89
N VAL A 82 7.84 -0.55 -1.40
CA VAL A 82 7.14 0.54 -2.08
C VAL A 82 7.00 1.64 -1.05
N GLU A 83 6.73 2.88 -1.51
CA GLU A 83 6.40 4.01 -0.64
C GLU A 83 4.99 4.33 -1.06
N ALA A 84 3.98 4.26 -0.17
CA ALA A 84 2.61 4.29 -0.74
C ALA A 84 1.87 5.32 0.01
N LYS A 85 0.70 5.67 -0.50
CA LYS A 85 -0.06 6.82 -0.03
C LYS A 85 -1.10 6.29 0.91
N PHE A 86 -1.17 6.93 2.11
CA PHE A 86 -2.01 6.44 3.22
C PHE A 86 -3.29 7.22 3.10
N THR A 87 -4.36 6.53 2.58
CA THR A 87 -5.58 7.23 2.16
C THR A 87 -6.64 7.13 3.23
N GLY A 88 -7.16 5.91 3.43
CA GLY A 88 -8.17 5.68 4.45
C GLY A 88 -8.34 4.26 4.88
N VAL A 89 -9.20 4.13 5.91
CA VAL A 89 -9.63 2.93 6.60
C VAL A 89 -11.14 2.91 6.56
N ASP A 90 -11.73 1.69 6.37
CA ASP A 90 -13.14 1.45 6.54
C ASP A 90 -13.20 0.78 7.91
N ARG A 91 -14.07 1.33 8.80
CA ARG A 91 -14.32 1.00 10.20
C ARG A 91 -14.56 -0.47 10.57
N LYS A 92 -15.13 -1.23 9.60
CA LYS A 92 -15.45 -2.65 9.62
C LYS A 92 -14.23 -3.57 9.54
N ASN A 93 -13.09 -3.13 8.98
CA ASN A 93 -11.89 -3.96 8.93
C ASN A 93 -10.89 -3.56 9.97
N ARG A 94 -11.14 -2.33 10.52
CA ARG A 94 -10.32 -1.43 11.35
C ARG A 94 -8.93 -1.22 10.75
N ALA A 95 -8.84 -1.28 9.39
CA ALA A 95 -7.64 -1.31 8.64
C ALA A 95 -7.72 -0.37 7.48
N ILE A 96 -6.50 -0.10 7.01
CA ILE A 96 -5.94 0.80 6.01
C ILE A 96 -5.70 0.27 4.60
N SER A 97 -6.05 1.15 3.64
CA SER A 97 -5.89 1.10 2.22
C SER A 97 -4.85 2.15 1.86
N LEU A 98 -3.91 1.71 1.01
CA LEU A 98 -2.87 2.54 0.44
C LEU A 98 -2.92 2.35 -1.04
N SER A 99 -2.61 3.42 -1.79
CA SER A 99 -2.35 3.38 -3.21
C SER A 99 -0.82 3.59 -3.34
N VAL A 100 -0.07 2.73 -4.05
CA VAL A 100 1.37 2.45 -4.13
C VAL A 100 2.50 3.48 -4.28
N ARG A 101 2.10 4.68 -4.70
CA ARG A 101 2.84 5.71 -5.41
C ARG A 101 3.81 6.67 -4.72
N ALA A 102 3.39 7.21 -3.54
CA ALA A 102 4.03 8.27 -2.76
C ALA A 102 3.36 9.63 -3.02
N LYS A 103 2.59 9.75 -4.12
CA LYS A 103 1.91 10.99 -4.52
C LYS A 103 0.46 10.76 -4.95
N ASP A 104 -0.25 9.85 -4.25
CA ASP A 104 -1.69 9.56 -4.36
C ASP A 104 -2.10 8.61 -5.46
N GLU A 105 -2.16 9.12 -6.72
CA GLU A 105 -2.58 8.42 -7.93
C GLU A 105 -1.61 8.73 -9.07
N ALA A 106 -1.80 9.89 -9.76
CA ALA A 106 -1.01 10.43 -10.88
C ALA A 106 -1.41 9.88 -12.26
N ASP A 107 -2.56 9.15 -12.32
CA ASP A 107 -3.18 8.56 -13.52
C ASP A 107 -4.30 9.48 -14.04
N GLU A 108 -4.40 10.63 -13.36
CA GLU A 108 -5.25 11.79 -13.44
C GLU A 108 -4.96 12.30 -12.04
N LYS A 109 -5.86 13.05 -11.40
CA LYS A 109 -5.71 13.44 -10.01
C LYS A 109 -7.02 12.96 -9.36
N MET A 21 -2.83 -4.26 13.89
CA MET A 21 -2.05 -3.38 12.96
C MET A 21 -2.13 -1.93 13.31
N PHE A 22 -2.64 -1.08 12.36
CA PHE A 22 -2.92 0.34 12.42
C PHE A 22 -3.94 0.69 13.47
N ASN A 23 -4.86 -0.25 13.78
CA ASN A 23 -6.06 -0.12 14.62
C ASN A 23 -5.76 0.56 16.01
N ASN A 24 -4.50 0.32 16.52
CA ASN A 24 -3.65 0.85 17.61
C ASN A 24 -2.94 2.20 17.34
N TRP A 25 -2.25 2.25 16.18
CA TRP A 25 -1.39 3.23 15.50
C TRP A 25 -1.95 4.63 15.31
N VAL A 26 -3.30 4.71 15.12
CA VAL A 26 -4.18 5.89 14.85
C VAL A 26 -3.96 7.07 15.82
N ALA A 27 -3.57 6.70 17.08
CA ALA A 27 -3.12 7.55 18.16
C ALA A 27 -1.74 8.22 17.93
N LEU A 28 -0.78 7.49 17.28
CA LEU A 28 0.56 7.92 16.91
C LEU A 28 0.75 8.44 15.46
N ASN A 29 0.10 7.81 14.44
CA ASN A 29 0.36 8.06 13.01
C ASN A 29 -0.79 8.74 12.25
N LYS A 30 -0.44 9.48 11.17
CA LYS A 30 -1.31 10.30 10.36
C LYS A 30 -1.66 9.77 8.96
N LYS A 31 -2.98 9.86 8.58
CA LYS A 31 -3.57 9.67 7.25
C LYS A 31 -3.32 10.84 6.31
N GLY A 32 -3.13 10.58 4.98
CA GLY A 32 -2.81 11.65 4.00
C GLY A 32 -1.36 11.71 3.66
N ALA A 33 -0.60 10.87 4.35
CA ALA A 33 0.84 10.73 4.37
C ALA A 33 1.21 9.50 3.60
N ILE A 34 2.50 9.38 3.22
CA ILE A 34 3.06 8.32 2.42
C ILE A 34 4.10 7.53 3.19
N VAL A 35 4.10 6.18 3.14
CA VAL A 35 4.94 5.39 4.02
C VAL A 35 5.55 4.34 3.17
N THR A 36 6.67 3.73 3.61
CA THR A 36 7.30 2.65 2.88
C THR A 36 6.86 1.33 3.49
N GLY A 37 6.36 0.43 2.62
CA GLY A 37 5.94 -0.91 3.04
C GLY A 37 6.46 -1.92 2.09
N LYS A 38 6.41 -3.21 2.47
CA LYS A 38 6.98 -4.32 1.71
C LYS A 38 6.05 -5.34 1.17
N VAL A 39 6.39 -5.80 -0.07
CA VAL A 39 5.61 -6.84 -0.81
C VAL A 39 5.61 -8.23 -0.13
N THR A 40 4.45 -8.91 0.04
CA THR A 40 4.41 -10.21 0.76
C THR A 40 3.46 -11.26 0.21
N ALA A 41 2.20 -10.93 -0.14
CA ALA A 41 1.28 -11.95 -0.60
C ALA A 41 0.34 -11.22 -1.49
N VAL A 42 -0.21 -11.89 -2.53
CA VAL A 42 -1.07 -11.25 -3.51
C VAL A 42 -2.49 -11.80 -3.57
N ASP A 43 -3.46 -10.89 -3.89
CA ASP A 43 -4.87 -11.16 -4.15
C ASP A 43 -5.04 -11.03 -5.65
N ALA A 44 -6.18 -11.45 -6.24
CA ALA A 44 -6.48 -11.36 -7.68
C ALA A 44 -6.47 -9.93 -8.27
N LYS A 45 -6.93 -8.97 -7.44
CA LYS A 45 -6.95 -7.52 -7.61
C LYS A 45 -5.90 -6.86 -6.70
N GLY A 46 -5.15 -7.69 -5.91
CA GLY A 46 -4.49 -7.24 -4.70
C GLY A 46 -3.05 -7.52 -4.53
N ALA A 47 -2.47 -6.74 -3.61
CA ALA A 47 -1.18 -7.00 -3.04
C ALA A 47 -1.39 -6.59 -1.62
N THR A 48 -0.96 -7.46 -0.68
CA THR A 48 -0.97 -7.18 0.74
C THR A 48 0.48 -6.82 1.03
N VAL A 49 0.68 -5.62 1.63
CA VAL A 49 1.98 -5.04 1.92
C VAL A 49 2.18 -5.07 3.41
N GLU A 50 3.44 -5.34 3.87
CA GLU A 50 3.84 -5.30 5.27
C GLU A 50 4.33 -3.89 5.63
N LEU A 51 3.77 -3.30 6.71
CA LEU A 51 3.96 -1.93 7.19
C LEU A 51 4.79 -1.90 8.47
N ALA A 52 5.21 -3.09 8.96
CA ALA A 52 6.11 -3.37 10.10
C ALA A 52 5.65 -3.01 11.49
N ASP A 53 6.27 -3.70 12.51
CA ASP A 53 5.91 -3.67 13.94
C ASP A 53 4.63 -4.46 14.21
N GLY A 54 4.20 -5.24 13.18
CA GLY A 54 2.94 -6.01 13.15
C GLY A 54 1.82 -5.28 12.46
N VAL A 55 2.14 -4.31 11.56
CA VAL A 55 1.21 -3.51 10.78
C VAL A 55 1.18 -4.01 9.34
N GLU A 56 -0.04 -4.11 8.73
CA GLU A 56 -0.26 -4.45 7.33
C GLU A 56 -1.15 -3.41 6.71
N GLY A 57 -1.07 -3.23 5.37
CA GLY A 57 -1.97 -2.27 4.64
C GLY A 57 -2.30 -2.81 3.24
N TYR A 58 -2.72 -1.94 2.27
CA TYR A 58 -3.02 -2.26 0.85
C TYR A 58 -1.96 -1.75 -0.11
N LEU A 59 -1.64 -2.59 -1.12
CA LEU A 59 -0.72 -2.26 -2.19
C LEU A 59 -1.48 -2.75 -3.42
N ARG A 60 -1.56 -1.96 -4.51
CA ARG A 60 -2.15 -2.32 -5.81
C ARG A 60 -1.18 -3.13 -6.68
N ALA A 61 -1.76 -3.92 -7.63
CA ALA A 61 -1.19 -4.85 -8.61
C ALA A 61 -0.05 -4.34 -9.54
N SER A 62 0.02 -3.00 -9.77
CA SER A 62 0.99 -2.23 -10.52
C SER A 62 2.34 -2.08 -9.80
N GLU A 63 2.33 -2.29 -8.45
CA GLU A 63 3.42 -2.33 -7.48
C GLU A 63 4.05 -0.98 -7.17
N ALA A 64 4.70 -0.46 -8.22
CA ALA A 64 5.38 0.80 -8.36
C ALA A 64 6.10 0.66 -9.70
N SER A 65 6.72 1.74 -10.17
CA SER A 65 7.37 1.88 -11.47
C SER A 65 8.06 3.22 -11.33
N ARG A 66 7.31 4.28 -11.65
CA ARG A 66 7.65 5.68 -11.64
C ARG A 66 6.34 6.37 -11.93
N ASP A 67 5.76 6.14 -13.13
CA ASP A 67 4.50 6.74 -13.54
C ASP A 67 3.61 5.68 -14.17
N ARG A 68 3.98 5.17 -15.36
CA ARG A 68 3.23 4.22 -16.16
C ARG A 68 3.65 2.76 -15.93
N VAL A 69 3.62 1.95 -17.04
CA VAL A 69 3.88 0.53 -17.29
C VAL A 69 4.91 -0.20 -16.44
N GLU A 70 6.16 -0.45 -16.92
CA GLU A 70 7.17 -1.00 -16.04
C GLU A 70 8.29 0.08 -15.95
N ASP A 71 8.71 0.50 -14.73
CA ASP A 71 9.90 1.25 -14.37
C ASP A 71 10.51 0.34 -13.40
N ALA A 72 10.56 0.76 -12.13
CA ALA A 72 10.89 -0.03 -10.94
C ALA A 72 10.19 -1.39 -10.72
N THR A 73 9.10 -1.76 -11.48
CA THR A 73 8.25 -2.96 -11.40
C THR A 73 8.97 -4.27 -11.64
N LEU A 74 10.09 -4.24 -12.41
CA LEU A 74 11.01 -5.36 -12.64
C LEU A 74 12.05 -5.55 -11.52
N VAL A 75 12.28 -4.50 -10.70
CA VAL A 75 13.27 -4.40 -9.62
C VAL A 75 12.69 -4.30 -8.25
N LEU A 76 11.41 -4.71 -8.11
CA LEU A 76 10.92 -4.86 -6.78
C LEU A 76 10.31 -6.26 -6.82
N SER A 77 10.76 -6.94 -5.78
CA SER A 77 10.57 -8.30 -5.29
C SER A 77 9.81 -8.35 -3.98
N VAL A 78 9.27 -9.54 -3.58
CA VAL A 78 8.67 -9.87 -2.28
C VAL A 78 9.67 -9.60 -1.10
N GLY A 79 9.27 -8.76 -0.11
CA GLY A 79 10.16 -8.21 0.91
C GLY A 79 10.89 -6.93 0.55
N ASP A 80 10.73 -6.41 -0.70
CA ASP A 80 11.31 -5.15 -1.21
C ASP A 80 10.19 -4.13 -1.12
N GLU A 81 10.56 -2.88 -0.77
CA GLU A 81 9.65 -1.85 -0.36
C GLU A 81 9.25 -0.78 -1.37
N VAL A 82 7.97 -0.36 -1.30
CA VAL A 82 7.33 0.66 -2.10
C VAL A 82 6.88 1.77 -1.17
N GLU A 83 6.86 3.04 -1.64
CA GLU A 83 6.31 4.19 -0.93
C GLU A 83 4.89 4.37 -1.44
N ALA A 84 3.90 4.27 -0.52
CA ALA A 84 2.49 4.19 -0.93
C ALA A 84 1.81 5.21 -0.07
N LYS A 85 0.63 5.61 -0.53
CA LYS A 85 -0.12 6.75 -0.06
C LYS A 85 -1.19 6.29 0.89
N PHE A 86 -1.40 6.99 2.06
CA PHE A 86 -2.41 6.55 3.03
C PHE A 86 -3.69 7.32 2.71
N THR A 87 -4.65 6.58 2.09
CA THR A 87 -5.86 7.13 1.49
C THR A 87 -7.04 7.15 2.43
N GLY A 88 -7.29 6.03 3.14
CA GLY A 88 -8.40 5.91 4.06
C GLY A 88 -8.35 4.59 4.76
N VAL A 89 -9.29 4.39 5.71
CA VAL A 89 -9.44 3.22 6.56
C VAL A 89 -10.84 2.71 6.40
N ASP A 90 -11.00 1.36 6.41
CA ASP A 90 -12.31 0.73 6.37
C ASP A 90 -12.78 0.65 7.81
N ARG A 91 -13.98 1.20 8.11
CA ARG A 91 -14.51 1.37 9.45
C ARG A 91 -14.93 0.10 10.20
N LYS A 92 -15.39 -0.93 9.43
CA LYS A 92 -15.95 -2.19 9.90
C LYS A 92 -14.95 -3.16 10.53
N ASN A 93 -13.74 -3.29 9.95
CA ASN A 93 -12.66 -4.10 10.54
C ASN A 93 -11.56 -3.23 11.13
N ARG A 94 -11.56 -1.90 10.84
CA ARG A 94 -10.61 -0.90 11.34
C ARG A 94 -9.15 -1.01 10.89
N ALA A 95 -8.90 -1.05 9.56
CA ALA A 95 -7.61 -1.15 8.93
C ALA A 95 -7.53 -0.11 7.83
N ILE A 96 -6.28 0.17 7.42
CA ILE A 96 -5.75 1.13 6.45
C ILE A 96 -5.56 0.55 5.06
N SER A 97 -5.95 1.38 4.06
CA SER A 97 -5.88 1.17 2.65
C SER A 97 -4.86 2.17 2.13
N LEU A 98 -3.92 1.66 1.31
CA LEU A 98 -2.91 2.42 0.64
C LEU A 98 -3.07 2.16 -0.81
N SER A 99 -2.78 3.20 -1.59
CA SER A 99 -2.62 3.15 -3.03
C SER A 99 -1.13 3.28 -3.18
N VAL A 100 -0.44 2.54 -4.03
CA VAL A 100 1.01 2.44 -4.24
C VAL A 100 1.96 3.61 -4.43
N ARG A 101 1.34 4.74 -4.73
CA ARG A 101 1.75 5.84 -5.57
C ARG A 101 2.88 6.76 -5.18
N ALA A 102 2.95 7.19 -3.89
CA ALA A 102 3.87 8.22 -3.35
C ALA A 102 3.36 9.63 -3.69
N LYS A 103 3.21 9.88 -5.00
CA LYS A 103 2.62 11.02 -5.69
C LYS A 103 3.08 10.91 -7.15
N ASP A 104 2.13 10.86 -8.13
CA ASP A 104 2.47 10.79 -9.55
C ASP A 104 1.41 11.49 -10.40
N GLU A 105 1.57 11.45 -11.75
CA GLU A 105 0.76 12.13 -12.75
C GLU A 105 -0.44 11.34 -13.28
N ALA A 106 -0.68 10.09 -12.80
CA ALA A 106 -1.77 9.22 -13.23
C ALA A 106 -3.09 9.47 -12.49
N ASP A 107 -3.62 10.70 -12.67
CA ASP A 107 -4.88 11.16 -12.07
C ASP A 107 -5.58 12.17 -12.98
N GLU A 108 -5.23 12.22 -14.28
CA GLU A 108 -5.82 13.11 -15.27
C GLU A 108 -5.54 12.47 -16.62
N LYS A 109 -5.96 11.21 -16.74
CA LYS A 109 -5.79 10.32 -17.86
C LYS A 109 -6.70 9.12 -17.54
N MET A 21 0.78 -1.70 13.38
CA MET A 21 0.98 -0.49 12.55
C MET A 21 0.06 0.62 12.94
N PHE A 22 -0.81 1.00 11.98
CA PHE A 22 -1.80 2.05 11.96
C PHE A 22 -2.81 2.10 13.12
N ASN A 23 -3.30 0.94 13.62
CA ASN A 23 -4.43 0.78 14.55
C ASN A 23 -4.34 1.70 15.82
N ASN A 24 -3.07 1.92 16.27
CA ASN A 24 -2.43 2.82 17.25
C ASN A 24 -2.18 4.28 16.80
N TRP A 25 -1.50 4.38 15.63
CA TRP A 25 -0.98 5.50 14.84
C TRP A 25 -1.99 6.54 14.43
N VAL A 26 -3.25 6.07 14.18
CA VAL A 26 -4.46 6.75 13.69
C VAL A 26 -4.82 8.03 14.45
N ALA A 27 -4.49 8.06 15.76
CA ALA A 27 -4.59 9.18 16.69
C ALA A 27 -3.55 10.30 16.45
N LEU A 28 -2.30 9.93 16.05
CA LEU A 28 -1.20 10.84 15.72
C LEU A 28 -0.99 11.17 14.23
N ASN A 29 -1.15 10.18 13.30
CA ASN A 29 -0.81 10.26 11.86
C ASN A 29 -2.01 10.41 10.91
N LYS A 30 -1.87 11.24 9.84
CA LYS A 30 -2.95 11.58 8.90
C LYS A 30 -2.87 10.90 7.52
N LYS A 31 -4.05 10.75 6.86
CA LYS A 31 -4.30 10.39 5.46
C LYS A 31 -3.98 11.57 4.51
N GLY A 32 -3.43 11.30 3.30
CA GLY A 32 -2.92 12.33 2.36
C GLY A 32 -1.41 12.40 2.36
N ALA A 33 -0.83 11.59 3.26
CA ALA A 33 0.56 11.42 3.59
C ALA A 33 1.07 10.22 2.84
N ILE A 34 2.40 10.06 2.75
CA ILE A 34 3.06 9.00 2.02
C ILE A 34 3.80 8.12 2.99
N VAL A 35 3.70 6.77 2.86
CA VAL A 35 4.25 5.87 3.86
C VAL A 35 5.03 4.90 3.03
N THR A 36 6.19 4.39 3.52
CA THR A 36 6.95 3.40 2.76
C THR A 36 6.74 2.06 3.38
N GLY A 37 6.35 1.09 2.54
CA GLY A 37 6.05 -0.25 3.04
C GLY A 37 6.42 -1.31 2.08
N LYS A 38 6.47 -2.56 2.59
CA LYS A 38 7.05 -3.72 1.92
C LYS A 38 6.13 -4.80 1.44
N VAL A 39 6.30 -5.23 0.15
CA VAL A 39 5.42 -6.20 -0.55
C VAL A 39 5.42 -7.63 0.01
N THR A 40 4.24 -8.26 0.31
CA THR A 40 4.20 -9.54 1.10
C THR A 40 3.26 -10.70 0.74
N ALA A 41 1.97 -10.47 0.38
CA ALA A 41 1.01 -11.55 0.12
C ALA A 41 -0.06 -10.98 -0.75
N VAL A 42 -0.77 -11.81 -1.55
CA VAL A 42 -1.69 -11.32 -2.58
C VAL A 42 -3.19 -11.66 -2.43
N ASP A 43 -4.07 -10.72 -2.89
CA ASP A 43 -5.51 -10.82 -3.02
C ASP A 43 -5.78 -10.97 -4.50
N ALA A 44 -7.00 -11.32 -4.97
CA ALA A 44 -7.37 -11.54 -6.39
C ALA A 44 -7.03 -10.41 -7.39
N LYS A 45 -7.30 -9.16 -6.95
CA LYS A 45 -6.98 -7.88 -7.56
C LYS A 45 -5.86 -7.17 -6.80
N GLY A 46 -5.35 -7.84 -5.72
CA GLY A 46 -4.70 -7.20 -4.60
C GLY A 46 -3.34 -7.61 -4.27
N ALA A 47 -2.69 -6.74 -3.48
CA ALA A 47 -1.46 -7.01 -2.82
C ALA A 47 -1.58 -6.35 -1.48
N THR A 48 -0.97 -7.01 -0.51
CA THR A 48 -0.84 -6.58 0.86
C THR A 48 0.62 -6.23 1.14
N VAL A 49 0.82 -5.02 1.72
CA VAL A 49 2.11 -4.44 2.11
C VAL A 49 2.23 -4.62 3.60
N GLU A 50 3.40 -5.12 4.11
CA GLU A 50 3.67 -5.30 5.52
C GLU A 50 4.16 -4.01 6.12
N LEU A 51 3.39 -3.55 7.13
CA LEU A 51 3.52 -2.26 7.77
C LEU A 51 3.91 -2.43 9.22
N ALA A 52 3.85 -3.71 9.68
CA ALA A 52 4.20 -4.26 10.99
C ALA A 52 3.16 -4.23 12.10
N ASP A 53 3.49 -5.04 13.15
CA ASP A 53 2.73 -5.39 14.36
C ASP A 53 1.76 -6.52 14.07
N GLY A 54 1.87 -7.11 12.85
CA GLY A 54 1.04 -8.22 12.35
C GLY A 54 -0.02 -7.79 11.37
N VAL A 55 -0.27 -6.47 11.23
CA VAL A 55 -1.27 -5.89 10.33
C VAL A 55 -0.62 -5.36 9.04
N GLU A 56 -1.32 -5.51 7.89
CA GLU A 56 -0.89 -5.07 6.57
C GLU A 56 -1.78 -3.97 6.03
N GLY A 57 -1.21 -3.13 5.11
CA GLY A 57 -1.93 -2.11 4.34
C GLY A 57 -2.21 -2.61 2.91
N TYR A 58 -2.56 -1.72 1.95
CA TYR A 58 -2.82 -2.07 0.54
C TYR A 58 -1.71 -1.66 -0.43
N LEU A 59 -1.41 -2.59 -1.37
CA LEU A 59 -0.41 -2.51 -2.40
C LEU A 59 -1.18 -2.97 -3.64
N ARG A 60 -1.08 -2.24 -4.77
CA ARG A 60 -1.65 -2.56 -6.09
C ARG A 60 -0.79 -3.53 -6.92
N ALA A 61 -1.43 -4.24 -7.88
CA ALA A 61 -0.90 -5.23 -8.83
C ALA A 61 0.32 -4.85 -9.71
N SER A 62 0.50 -3.52 -9.96
CA SER A 62 1.56 -2.77 -10.63
C SER A 62 2.86 -2.73 -9.80
N GLU A 63 2.66 -2.73 -8.46
CA GLU A 63 3.57 -2.80 -7.31
C GLU A 63 4.41 -1.56 -7.06
N ALA A 64 5.34 -1.37 -7.98
CA ALA A 64 6.29 -0.28 -8.06
C ALA A 64 6.70 -0.27 -9.52
N SER A 65 5.75 0.12 -10.41
CA SER A 65 5.93 0.20 -11.87
C SER A 65 6.27 1.65 -12.26
N ARG A 66 5.71 2.13 -13.40
CA ARG A 66 5.94 3.45 -13.98
C ARG A 66 5.09 3.50 -15.22
N ASP A 67 5.29 2.49 -16.10
CA ASP A 67 4.57 2.23 -17.34
C ASP A 67 3.37 1.31 -17.09
N ARG A 68 2.54 1.71 -16.09
CA ARG A 68 1.33 1.06 -15.57
C ARG A 68 1.46 -0.36 -15.01
N VAL A 69 1.53 -1.37 -15.90
CA VAL A 69 1.57 -2.80 -15.63
C VAL A 69 2.95 -3.35 -15.26
N GLU A 70 3.97 -3.37 -16.17
CA GLU A 70 5.31 -3.82 -15.80
C GLU A 70 6.32 -2.66 -15.97
N ASP A 71 7.16 -2.35 -14.92
CA ASP A 71 8.35 -1.52 -15.00
C ASP A 71 9.37 -2.55 -14.56
N ALA A 72 9.94 -2.26 -13.40
CA ALA A 72 10.68 -3.03 -12.43
C ALA A 72 10.01 -4.30 -11.90
N THR A 73 8.70 -4.58 -12.14
CA THR A 73 7.80 -5.56 -11.50
C THR A 73 8.27 -7.02 -11.58
N LEU A 74 9.07 -7.34 -12.62
CA LEU A 74 9.78 -8.61 -12.80
C LEU A 74 11.04 -8.71 -11.90
N VAL A 75 11.58 -7.55 -11.42
CA VAL A 75 12.78 -7.43 -10.56
C VAL A 75 12.51 -6.87 -9.21
N LEU A 76 11.23 -6.89 -8.78
CA LEU A 76 10.99 -6.63 -7.38
C LEU A 76 10.05 -7.72 -6.90
N SER A 77 10.54 -8.20 -5.77
CA SER A 77 10.20 -9.32 -4.89
C SER A 77 9.64 -8.96 -3.53
N VAL A 78 8.99 -9.94 -2.84
CA VAL A 78 8.50 -9.92 -1.44
C VAL A 78 9.52 -9.39 -0.41
N GLY A 79 9.11 -8.34 0.36
CA GLY A 79 9.94 -7.62 1.32
C GLY A 79 10.56 -6.36 0.77
N ASP A 80 10.34 -6.06 -0.55
CA ASP A 80 10.80 -4.87 -1.26
C ASP A 80 9.80 -3.77 -1.02
N GLU A 81 10.26 -2.58 -0.62
CA GLU A 81 9.42 -1.47 -0.25
C GLU A 81 9.34 -0.34 -1.26
N VAL A 82 8.17 0.35 -1.26
CA VAL A 82 7.80 1.46 -2.12
C VAL A 82 7.12 2.47 -1.22
N GLU A 83 7.08 3.75 -1.66
CA GLU A 83 6.41 4.87 -1.02
C GLU A 83 5.05 4.98 -1.66
N ALA A 84 3.98 4.89 -0.85
CA ALA A 84 2.63 4.72 -1.35
C ALA A 84 1.89 5.77 -0.64
N LYS A 85 0.65 5.99 -1.05
CA LYS A 85 -0.15 7.12 -0.60
C LYS A 85 -1.03 6.55 0.48
N PHE A 86 -1.19 7.28 1.63
CA PHE A 86 -1.98 6.82 2.79
C PHE A 86 -3.32 7.51 2.55
N THR A 87 -4.32 6.70 2.08
CA THR A 87 -5.54 7.30 1.48
C THR A 87 -6.76 7.17 2.39
N GLY A 88 -7.10 5.92 2.80
CA GLY A 88 -8.25 5.66 3.65
C GLY A 88 -7.99 4.47 4.52
N VAL A 89 -8.84 4.30 5.56
CA VAL A 89 -8.79 3.20 6.53
C VAL A 89 -10.14 2.53 6.52
N ASP A 90 -10.14 1.18 6.65
CA ASP A 90 -11.33 0.36 6.75
C ASP A 90 -11.64 0.21 8.23
N ARG A 91 -12.89 0.51 8.66
CA ARG A 91 -13.35 0.44 10.05
C ARG A 91 -13.49 -0.99 10.61
N LYS A 92 -13.61 -2.00 9.70
CA LYS A 92 -13.76 -3.43 9.97
C LYS A 92 -12.51 -4.13 10.52
N ASN A 93 -11.29 -3.83 10.00
CA ASN A 93 -10.06 -4.41 10.54
C ASN A 93 -9.28 -3.35 11.33
N ARG A 94 -9.65 -2.03 11.19
CA ARG A 94 -9.00 -0.85 11.76
C ARG A 94 -7.57 -0.66 11.22
N ALA A 95 -7.46 -0.79 9.87
CA ALA A 95 -6.29 -0.86 9.08
C ALA A 95 -6.45 0.06 7.87
N ILE A 96 -5.30 0.37 7.24
CA ILE A 96 -4.96 1.30 6.15
C ILE A 96 -4.91 0.70 4.76
N SER A 97 -5.41 1.48 3.78
CA SER A 97 -5.43 1.22 2.37
C SER A 97 -4.46 2.25 1.81
N LEU A 98 -3.53 1.77 0.97
CA LEU A 98 -2.53 2.58 0.32
C LEU A 98 -2.61 2.31 -1.16
N SER A 99 -2.37 3.37 -1.97
CA SER A 99 -2.20 3.28 -3.41
C SER A 99 -0.71 3.49 -3.62
N VAL A 100 0.04 2.59 -4.26
CA VAL A 100 1.50 2.46 -4.35
C VAL A 100 2.51 3.55 -4.70
N ARG A 101 1.99 4.61 -5.30
CA ARG A 101 2.56 5.71 -6.07
C ARG A 101 3.19 6.88 -5.33
N ALA A 102 2.50 7.33 -4.24
CA ALA A 102 2.80 8.47 -3.35
C ALA A 102 2.17 9.81 -3.79
N LYS A 103 1.23 9.77 -4.77
CA LYS A 103 0.51 10.90 -5.34
C LYS A 103 -0.92 10.47 -5.52
N ASP A 104 -1.88 11.42 -5.66
CA ASP A 104 -3.31 11.21 -5.87
C ASP A 104 -3.68 10.96 -7.34
N GLU A 105 -4.90 10.40 -7.62
CA GLU A 105 -5.38 10.17 -8.98
C GLU A 105 -6.72 10.90 -9.15
N ALA A 106 -7.72 10.30 -9.86
CA ALA A 106 -9.04 10.91 -10.05
C ALA A 106 -10.14 9.87 -10.01
N ASP A 107 -9.79 8.68 -9.47
CA ASP A 107 -10.69 7.56 -9.22
C ASP A 107 -10.16 6.86 -7.96
N GLU A 108 -9.27 7.57 -7.22
CA GLU A 108 -8.55 7.12 -6.03
C GLU A 108 -7.68 8.32 -5.69
N LYS A 109 -7.20 8.47 -4.43
CA LYS A 109 -6.39 9.61 -4.04
C LYS A 109 -5.39 9.13 -2.97
N MET A 21 0.38 -0.90 12.95
CA MET A 21 0.74 0.47 12.53
C MET A 21 -0.34 1.35 13.05
N PHE A 22 -1.33 1.61 12.16
CA PHE A 22 -2.51 2.42 12.16
C PHE A 22 -3.39 2.27 13.32
N ASN A 23 -3.52 1.06 13.91
CA ASN A 23 -4.36 0.79 15.05
C ASN A 23 -4.13 1.79 16.25
N ASN A 24 -2.81 1.98 16.63
CA ASN A 24 -2.15 3.02 17.44
C ASN A 24 -1.83 4.36 16.72
N TRP A 25 -1.12 4.28 15.55
CA TRP A 25 -0.55 5.28 14.63
C TRP A 25 -1.48 6.37 14.16
N VAL A 26 -2.80 6.02 14.01
CA VAL A 26 -3.96 6.81 13.57
C VAL A 26 -4.11 8.15 14.31
N ALA A 27 -3.68 8.21 15.60
CA ALA A 27 -3.60 9.41 16.42
C ALA A 27 -2.46 10.37 16.04
N LEU A 28 -1.32 9.85 15.49
CA LEU A 28 -0.18 10.63 15.00
C LEU A 28 -0.16 10.90 13.49
N ASN A 29 -0.55 9.92 12.64
CA ASN A 29 -0.38 9.96 11.18
C ASN A 29 -1.66 10.29 10.41
N LYS A 30 -1.56 11.04 9.28
CA LYS A 30 -2.70 11.54 8.53
C LYS A 30 -2.99 10.84 7.21
N LYS A 31 -4.27 10.88 6.77
CA LYS A 31 -4.70 10.53 5.41
C LYS A 31 -4.28 11.65 4.45
N GLY A 32 -3.53 11.30 3.36
CA GLY A 32 -2.77 12.25 2.57
C GLY A 32 -1.28 12.18 2.79
N ALA A 33 -0.83 11.35 3.76
CA ALA A 33 0.57 11.11 4.08
C ALA A 33 1.07 9.95 3.24
N ILE A 34 2.40 9.79 3.08
CA ILE A 34 3.01 8.77 2.22
C ILE A 34 3.83 7.78 3.03
N VAL A 35 3.75 6.44 2.79
CA VAL A 35 4.41 5.49 3.69
C VAL A 35 4.93 4.41 2.84
N THR A 36 6.03 3.74 3.26
CA THR A 36 6.61 2.63 2.53
C THR A 36 6.09 1.33 3.09
N GLY A 37 5.56 0.48 2.18
CA GLY A 37 5.08 -0.86 2.56
C GLY A 37 5.81 -1.89 1.80
N LYS A 38 5.93 -3.06 2.43
CA LYS A 38 6.68 -4.22 1.93
C LYS A 38 5.82 -5.36 1.54
N VAL A 39 6.04 -5.93 0.32
CA VAL A 39 5.14 -6.97 -0.28
C VAL A 39 5.07 -8.31 0.47
N THR A 40 3.86 -8.84 0.80
CA THR A 40 3.70 -10.09 1.59
C THR A 40 2.77 -11.18 1.05
N ALA A 41 1.48 -10.86 0.75
CA ALA A 41 0.48 -11.84 0.38
C ALA A 41 -0.24 -11.23 -0.76
N VAL A 42 -0.47 -12.01 -1.85
CA VAL A 42 -0.97 -11.48 -3.09
C VAL A 42 -2.34 -12.02 -3.57
N ASP A 43 -3.20 -11.13 -4.15
CA ASP A 43 -4.45 -11.41 -4.84
C ASP A 43 -4.14 -11.19 -6.32
N ALA A 44 -5.00 -11.57 -7.29
CA ALA A 44 -4.78 -11.38 -8.74
C ALA A 44 -4.45 -9.93 -9.21
N LYS A 45 -5.21 -8.95 -8.66
CA LYS A 45 -5.03 -7.52 -8.78
C LYS A 45 -4.52 -6.92 -7.48
N GLY A 46 -4.31 -7.80 -6.45
CA GLY A 46 -4.19 -7.40 -5.06
C GLY A 46 -2.84 -7.60 -4.49
N ALA A 47 -2.38 -6.72 -3.60
CA ALA A 47 -1.23 -7.05 -2.80
C ALA A 47 -1.51 -6.47 -1.45
N THR A 48 -1.19 -7.28 -0.42
CA THR A 48 -1.23 -6.81 0.98
C THR A 48 0.19 -6.54 1.41
N VAL A 49 0.50 -5.27 1.77
CA VAL A 49 1.88 -4.86 2.11
C VAL A 49 1.99 -4.79 3.61
N GLU A 50 3.17 -5.16 4.16
CA GLU A 50 3.48 -5.11 5.58
C GLU A 50 4.02 -3.74 5.97
N LEU A 51 3.33 -3.19 6.99
CA LEU A 51 3.50 -1.88 7.58
C LEU A 51 4.06 -2.03 8.99
N ALA A 52 3.71 -3.16 9.67
CA ALA A 52 4.09 -3.63 10.98
C ALA A 52 3.13 -3.32 12.12
N ASP A 53 3.37 -4.06 13.23
CA ASP A 53 2.62 -4.18 14.49
C ASP A 53 1.49 -5.20 14.35
N GLY A 54 1.51 -5.97 13.24
CA GLY A 54 0.58 -7.06 12.93
C GLY A 54 -0.36 -6.75 11.79
N VAL A 55 -0.71 -5.46 11.60
CA VAL A 55 -1.63 -4.95 10.59
C VAL A 55 -0.87 -4.50 9.31
N GLU A 56 -1.52 -4.75 8.15
CA GLU A 56 -1.05 -4.60 6.79
C GLU A 56 -1.87 -3.56 6.07
N GLY A 57 -1.31 -2.89 5.01
CA GLY A 57 -2.04 -1.94 4.16
C GLY A 57 -2.12 -2.43 2.72
N TYR A 58 -2.42 -1.54 1.75
CA TYR A 58 -2.68 -1.87 0.34
C TYR A 58 -1.70 -1.45 -0.72
N LEU A 59 -1.47 -2.38 -1.67
CA LEU A 59 -0.69 -2.12 -2.86
C LEU A 59 -1.53 -2.62 -4.05
N ARG A 60 -1.99 -1.72 -4.98
CA ARG A 60 -2.72 -2.04 -6.22
C ARG A 60 -1.82 -2.48 -7.39
N ALA A 61 -2.19 -3.57 -8.13
CA ALA A 61 -1.46 -4.12 -9.28
C ALA A 61 -1.50 -3.25 -10.55
N SER A 62 -2.58 -2.41 -10.67
CA SER A 62 -2.84 -1.39 -11.68
C SER A 62 -1.93 -0.15 -11.61
N GLU A 63 -1.26 0.06 -10.45
CA GLU A 63 -0.38 1.18 -10.16
C GLU A 63 1.08 0.73 -10.04
N ALA A 64 1.35 -0.45 -9.44
CA ALA A 64 2.66 -1.06 -9.22
C ALA A 64 3.27 -1.68 -10.47
N SER A 65 4.14 -0.88 -11.15
CA SER A 65 4.87 -1.10 -12.39
C SER A 65 5.36 0.33 -12.66
N ARG A 66 5.66 0.72 -13.92
CA ARG A 66 6.21 2.04 -14.23
C ARG A 66 5.82 2.32 -15.67
N ASP A 67 4.48 2.24 -15.90
CA ASP A 67 3.77 2.34 -17.18
C ASP A 67 3.77 0.99 -17.90
N ARG A 68 3.25 0.95 -19.15
CA ARG A 68 3.14 -0.21 -20.04
C ARG A 68 2.13 -1.26 -19.57
N VAL A 69 2.58 -2.50 -19.31
CA VAL A 69 1.77 -3.62 -18.84
C VAL A 69 2.27 -3.96 -17.43
N GLU A 70 3.20 -4.93 -17.31
CA GLU A 70 3.75 -5.31 -16.04
C GLU A 70 5.26 -4.92 -16.00
N ASP A 71 5.73 -4.18 -14.94
CA ASP A 71 7.05 -3.77 -14.50
C ASP A 71 7.07 -4.46 -13.19
N ALA A 72 7.04 -3.67 -12.12
CA ALA A 72 6.91 -4.05 -10.71
C ALA A 72 5.82 -5.05 -10.32
N THR A 73 4.80 -5.39 -11.18
CA THR A 73 3.91 -6.54 -10.87
C THR A 73 4.60 -7.85 -11.18
N LEU A 74 5.35 -7.90 -12.31
CA LEU A 74 6.18 -9.02 -12.74
C LEU A 74 7.56 -9.09 -12.09
N VAL A 75 8.22 -7.92 -11.95
CA VAL A 75 9.58 -7.74 -11.50
C VAL A 75 9.76 -7.06 -10.19
N LEU A 76 8.70 -6.98 -9.35
CA LEU A 76 9.09 -6.69 -7.98
C LEU A 76 8.34 -7.69 -7.11
N SER A 77 9.20 -8.21 -6.22
CA SER A 77 9.09 -9.30 -5.27
C SER A 77 8.68 -8.96 -3.85
N VAL A 78 8.24 -10.04 -3.16
CA VAL A 78 7.84 -10.21 -1.77
C VAL A 78 8.97 -9.87 -0.79
N GLY A 79 8.66 -9.00 0.21
CA GLY A 79 9.55 -8.45 1.24
C GLY A 79 10.25 -7.18 0.86
N ASP A 80 10.08 -6.71 -0.42
CA ASP A 80 10.64 -5.48 -0.96
C ASP A 80 9.57 -4.41 -0.86
N GLU A 81 10.00 -3.17 -0.50
CA GLU A 81 9.13 -2.05 -0.22
C GLU A 81 9.11 -0.92 -1.23
N VAL A 82 7.93 -0.24 -1.32
CA VAL A 82 7.63 0.87 -2.22
C VAL A 82 6.81 1.89 -1.43
N GLU A 83 6.82 3.19 -1.83
CA GLU A 83 6.13 4.32 -1.20
C GLU A 83 4.78 4.61 -1.81
N ALA A 84 3.73 4.65 -0.97
CA ALA A 84 2.34 4.68 -1.39
C ALA A 84 1.71 5.79 -0.61
N LYS A 85 0.47 6.12 -0.96
CA LYS A 85 -0.29 7.23 -0.39
C LYS A 85 -1.20 6.63 0.63
N PHE A 86 -1.33 7.26 1.83
CA PHE A 86 -2.13 6.76 2.95
C PHE A 86 -3.48 7.47 2.84
N THR A 87 -4.56 6.78 2.37
CA THR A 87 -5.78 7.57 2.00
C THR A 87 -7.13 6.88 2.16
N GLY A 88 -7.19 5.76 2.92
CA GLY A 88 -8.44 5.06 3.23
C GLY A 88 -8.21 4.07 4.35
N VAL A 89 -9.12 3.98 5.35
CA VAL A 89 -9.04 3.07 6.51
C VAL A 89 -10.28 2.25 6.70
N ASP A 90 -10.15 0.97 7.12
CA ASP A 90 -11.31 0.18 7.52
C ASP A 90 -11.42 0.31 9.04
N ARG A 91 -12.62 0.72 9.54
CA ARG A 91 -12.94 0.91 10.96
C ARG A 91 -13.04 -0.37 11.77
N LYS A 92 -13.36 -1.50 11.08
CA LYS A 92 -13.53 -2.85 11.59
C LYS A 92 -12.20 -3.59 11.77
N ASN A 93 -11.16 -3.31 10.93
CA ASN A 93 -9.88 -4.00 11.06
C ASN A 93 -8.84 -3.19 11.81
N ARG A 94 -9.08 -1.85 11.97
CA ARG A 94 -8.18 -0.85 12.57
C ARG A 94 -6.86 -0.71 11.80
N ALA A 95 -6.95 -0.76 10.44
CA ALA A 95 -5.91 -0.69 9.48
C ALA A 95 -6.28 0.25 8.30
N ILE A 96 -5.23 0.66 7.55
CA ILE A 96 -5.01 1.51 6.36
C ILE A 96 -4.89 0.81 5.03
N SER A 97 -5.47 1.43 3.97
CA SER A 97 -5.49 1.15 2.55
C SER A 97 -4.64 2.28 1.94
N LEU A 98 -3.78 1.87 1.00
CA LEU A 98 -2.85 2.71 0.31
C LEU A 98 -2.97 2.50 -1.16
N SER A 99 -2.75 3.59 -1.92
CA SER A 99 -2.58 3.57 -3.36
C SER A 99 -1.09 3.80 -3.61
N VAL A 100 -0.39 2.90 -4.30
CA VAL A 100 1.06 2.68 -4.48
C VAL A 100 2.10 3.74 -4.88
N ARG A 101 1.54 4.81 -5.42
CA ARG A 101 2.11 5.88 -6.23
C ARG A 101 2.83 7.03 -5.55
N ALA A 102 2.35 7.43 -4.35
CA ALA A 102 2.72 8.58 -3.52
C ALA A 102 1.61 9.62 -3.63
N LYS A 103 1.32 10.01 -4.89
CA LYS A 103 0.30 10.94 -5.31
C LYS A 103 0.26 10.72 -6.81
N ASP A 104 -0.79 11.15 -7.53
CA ASP A 104 -0.96 11.00 -8.97
C ASP A 104 -0.99 12.38 -9.60
N GLU A 105 0.18 13.05 -9.63
CA GLU A 105 0.38 14.39 -10.18
C GLU A 105 1.38 14.33 -11.32
N ALA A 106 1.24 13.31 -12.20
CA ALA A 106 2.08 13.00 -13.34
C ALA A 106 3.38 12.29 -12.98
N ASP A 107 3.21 11.15 -12.26
CA ASP A 107 4.27 10.24 -11.83
C ASP A 107 4.34 9.04 -12.77
N GLU A 108 3.16 8.55 -13.25
CA GLU A 108 3.00 7.42 -14.16
C GLU A 108 1.84 7.71 -15.11
N LYS A 109 1.71 8.98 -15.54
CA LYS A 109 0.74 9.51 -16.47
C LYS A 109 1.19 10.96 -16.69
N MET A 21 -3.21 -4.22 13.93
CA MET A 21 -2.40 -3.43 12.94
C MET A 21 -2.43 -1.98 13.30
N PHE A 22 -2.69 -1.13 12.26
CA PHE A 22 -2.85 0.32 12.21
C PHE A 22 -3.82 0.88 13.23
N ASN A 23 -4.85 0.08 13.66
CA ASN A 23 -6.00 0.47 14.48
C ASN A 23 -5.57 1.27 15.78
N ASN A 24 -4.37 0.87 16.31
CA ASN A 24 -3.45 1.31 17.37
C ASN A 24 -2.55 2.53 17.04
N TRP A 25 -2.14 2.62 15.76
CA TRP A 25 -1.19 3.48 15.07
C TRP A 25 -1.63 4.90 14.85
N VAL A 26 -2.97 5.18 14.63
CA VAL A 26 -3.67 6.45 14.32
C VAL A 26 -3.34 7.63 15.25
N ALA A 27 -3.06 7.24 16.52
CA ALA A 27 -2.60 8.05 17.64
C ALA A 27 -1.13 8.47 17.53
N LEU A 28 -0.23 7.58 17.00
CA LEU A 28 1.19 7.87 16.77
C LEU A 28 1.51 8.34 15.34
N ASN A 29 0.85 7.72 14.32
CA ASN A 29 1.02 7.93 12.89
C ASN A 29 -0.33 8.23 12.23
N LYS A 30 -0.40 9.37 11.50
CA LYS A 30 -1.53 10.00 10.82
C LYS A 30 -1.77 9.63 9.34
N LYS A 31 -3.09 9.54 8.98
CA LYS A 31 -3.68 9.28 7.66
C LYS A 31 -3.59 10.48 6.71
N GLY A 32 -3.38 10.27 5.37
CA GLY A 32 -3.16 11.39 4.41
C GLY A 32 -1.72 11.60 4.02
N ALA A 33 -0.86 10.80 4.67
CA ALA A 33 0.58 10.77 4.64
C ALA A 33 1.03 9.64 3.78
N ILE A 34 2.34 9.41 3.77
CA ILE A 34 3.07 8.38 3.03
C ILE A 34 3.68 7.35 3.96
N VAL A 35 3.59 6.03 3.63
CA VAL A 35 4.11 5.03 4.56
C VAL A 35 4.88 4.10 3.68
N THR A 36 5.99 3.53 4.18
CA THR A 36 6.90 2.68 3.44
C THR A 36 6.53 1.22 3.72
N GLY A 37 6.34 0.35 2.68
CA GLY A 37 6.06 -1.04 3.02
C GLY A 37 6.58 -2.04 2.03
N LYS A 38 6.58 -3.32 2.46
CA LYS A 38 7.08 -4.44 1.65
C LYS A 38 6.09 -5.51 1.34
N VAL A 39 6.15 -6.08 0.08
CA VAL A 39 5.19 -7.12 -0.42
C VAL A 39 5.36 -8.49 0.27
N THR A 40 4.26 -9.07 0.80
CA THR A 40 4.30 -10.35 1.51
C THR A 40 3.26 -11.35 1.02
N ALA A 41 2.32 -10.95 0.12
CA ALA A 41 1.29 -11.85 -0.37
C ALA A 41 0.65 -11.12 -1.51
N VAL A 42 0.06 -11.88 -2.45
CA VAL A 42 -0.61 -11.31 -3.60
C VAL A 42 -2.08 -11.68 -3.56
N ASP A 43 -2.98 -10.73 -3.94
CA ASP A 43 -4.42 -10.93 -4.07
C ASP A 43 -4.71 -10.97 -5.57
N ALA A 44 -5.91 -11.38 -6.01
CA ALA A 44 -6.33 -11.44 -7.43
C ALA A 44 -6.24 -10.11 -8.20
N LYS A 45 -6.62 -9.02 -7.50
CA LYS A 45 -6.52 -7.61 -7.86
C LYS A 45 -5.38 -6.93 -7.06
N GLY A 46 -4.68 -7.70 -6.19
CA GLY A 46 -3.94 -7.14 -5.07
C GLY A 46 -2.52 -7.50 -4.89
N ALA A 47 -1.95 -6.73 -3.95
CA ALA A 47 -0.68 -6.91 -3.33
C ALA A 47 -1.02 -6.51 -1.93
N THR A 48 -0.63 -7.37 -0.97
CA THR A 48 -0.77 -7.16 0.45
C THR A 48 0.63 -6.84 0.95
N VAL A 49 0.74 -5.63 1.55
CA VAL A 49 1.98 -5.01 1.96
C VAL A 49 2.14 -5.01 3.46
N GLU A 50 3.38 -5.28 3.94
CA GLU A 50 3.80 -5.25 5.32
C GLU A 50 4.47 -3.93 5.57
N LEU A 51 3.86 -3.11 6.46
CA LEU A 51 4.20 -1.76 6.80
C LEU A 51 5.16 -1.70 7.99
N ALA A 52 5.09 -2.74 8.86
CA ALA A 52 5.88 -2.95 10.08
C ALA A 52 5.25 -2.34 11.32
N ASP A 53 5.89 -2.56 12.50
CA ASP A 53 5.40 -2.25 13.85
C ASP A 53 4.28 -3.21 14.30
N GLY A 54 3.98 -4.21 13.43
CA GLY A 54 2.85 -5.14 13.49
C GLY A 54 1.70 -4.73 12.60
N VAL A 55 1.84 -3.68 11.73
CA VAL A 55 0.77 -3.18 10.87
C VAL A 55 0.89 -3.66 9.40
N GLU A 56 -0.27 -4.03 8.77
CA GLU A 56 -0.36 -4.51 7.38
C GLU A 56 -1.39 -3.74 6.62
N GLY A 57 -1.29 -3.63 5.25
CA GLY A 57 -2.20 -2.76 4.46
C GLY A 57 -2.40 -3.25 3.02
N TYR A 58 -2.87 -2.35 2.09
CA TYR A 58 -3.10 -2.57 0.64
C TYR A 58 -2.05 -1.92 -0.24
N LEU A 59 -1.63 -2.63 -1.30
CA LEU A 59 -0.71 -2.14 -2.31
C LEU A 59 -1.37 -2.50 -3.63
N ARG A 60 -1.48 -1.57 -4.62
CA ARG A 60 -2.14 -1.86 -5.91
C ARG A 60 -1.28 -2.64 -6.92
N ALA A 61 -1.93 -3.59 -7.67
CA ALA A 61 -1.49 -4.58 -8.66
C ALA A 61 -0.62 -4.12 -9.82
N SER A 62 -0.69 -2.81 -10.17
CA SER A 62 0.19 -2.15 -11.14
C SER A 62 1.60 -1.91 -10.57
N GLU A 63 1.76 -1.94 -9.20
CA GLU A 63 2.93 -1.87 -8.31
C GLU A 63 4.10 -0.99 -8.74
N ALA A 64 3.85 0.32 -9.00
CA ALA A 64 4.76 1.32 -9.54
C ALA A 64 4.89 1.18 -11.04
N SER A 65 5.34 -0.03 -11.49
CA SER A 65 5.51 -0.53 -12.87
C SER A 65 6.84 -0.16 -13.53
N ARG A 66 7.07 -0.76 -14.72
CA ARG A 66 8.22 -0.54 -15.59
C ARG A 66 7.62 -0.66 -16.98
N ASP A 67 8.05 0.18 -17.97
CA ASP A 67 7.47 0.29 -19.32
C ASP A 67 7.98 -0.75 -20.33
N ARG A 68 7.71 -2.05 -20.07
CA ARG A 68 8.11 -3.16 -20.93
C ARG A 68 6.95 -4.16 -21.01
N VAL A 69 7.23 -5.43 -21.46
CA VAL A 69 6.28 -6.55 -21.56
C VAL A 69 6.07 -7.27 -20.21
N GLU A 70 7.08 -7.13 -19.33
CA GLU A 70 7.08 -7.50 -17.94
C GLU A 70 7.25 -6.13 -17.25
N ASP A 71 6.41 -5.77 -16.25
CA ASP A 71 6.42 -4.57 -15.44
C ASP A 71 6.93 -5.15 -14.16
N ALA A 72 6.02 -5.12 -13.17
CA ALA A 72 6.03 -5.81 -11.90
C ALA A 72 6.23 -7.34 -11.95
N THR A 73 6.08 -7.99 -13.15
CA THR A 73 6.23 -9.44 -13.26
C THR A 73 7.67 -9.92 -13.26
N LEU A 74 8.62 -9.18 -13.89
CA LEU A 74 10.06 -9.38 -13.77
C LEU A 74 10.71 -8.73 -12.55
N VAL A 75 10.26 -7.49 -12.24
CA VAL A 75 10.86 -6.63 -11.24
C VAL A 75 10.09 -6.33 -10.00
N LEU A 76 9.02 -7.12 -9.68
CA LEU A 76 8.67 -7.00 -8.27
C LEU A 76 8.46 -8.41 -7.73
N SER A 77 9.09 -8.55 -6.56
CA SER A 77 9.13 -9.67 -5.65
C SER A 77 8.40 -9.37 -4.36
N VAL A 78 8.02 -10.46 -3.64
CA VAL A 78 7.62 -10.50 -2.23
C VAL A 78 8.92 -10.37 -1.40
N GLY A 79 9.01 -9.36 -0.52
CA GLY A 79 10.25 -8.95 0.16
C GLY A 79 10.82 -7.68 -0.41
N ASP A 80 10.19 -7.12 -1.48
CA ASP A 80 10.57 -5.88 -2.16
C ASP A 80 9.55 -4.84 -1.76
N GLU A 81 10.03 -3.58 -1.61
CA GLU A 81 9.26 -2.45 -1.10
C GLU A 81 8.95 -1.31 -2.07
N VAL A 82 7.84 -0.56 -1.79
CA VAL A 82 7.36 0.59 -2.57
C VAL A 82 6.89 1.58 -1.52
N GLU A 83 6.90 2.91 -1.78
CA GLU A 83 6.40 3.95 -0.86
C GLU A 83 4.97 4.27 -1.25
N ALA A 84 4.01 4.32 -0.30
CA ALA A 84 2.61 4.39 -0.74
C ALA A 84 2.00 5.49 0.01
N LYS A 85 0.79 5.85 -0.41
CA LYS A 85 0.01 6.94 0.12
C LYS A 85 -0.99 6.30 1.07
N PHE A 86 -1.24 6.97 2.22
CA PHE A 86 -2.11 6.46 3.29
C PHE A 86 -3.45 7.13 2.96
N THR A 87 -4.39 6.31 2.36
CA THR A 87 -5.57 6.86 1.66
C THR A 87 -6.82 7.03 2.49
N GLY A 88 -7.35 5.90 2.99
CA GLY A 88 -8.63 5.81 3.66
C GLY A 88 -8.58 4.58 4.50
N VAL A 89 -9.29 4.59 5.66
CA VAL A 89 -9.34 3.49 6.61
C VAL A 89 -10.77 3.09 6.76
N ASP A 90 -11.04 1.78 6.89
CA ASP A 90 -12.39 1.26 7.02
C ASP A 90 -12.75 1.01 8.46
N ARG A 91 -13.90 1.56 8.92
CA ARG A 91 -14.41 1.51 10.29
C ARG A 91 -14.92 0.15 10.76
N LYS A 92 -15.23 -0.76 9.80
CA LYS A 92 -15.79 -2.09 10.00
C LYS A 92 -14.76 -3.16 10.36
N ASN A 93 -13.56 -3.14 9.72
CA ASN A 93 -12.48 -4.11 9.97
C ASN A 93 -11.35 -3.43 10.74
N ARG A 94 -11.38 -2.06 10.81
CA ARG A 94 -10.44 -1.17 11.48
C ARG A 94 -9.02 -1.19 10.92
N ALA A 95 -8.88 -1.08 9.58
CA ALA A 95 -7.67 -1.15 8.84
C ALA A 95 -7.58 -0.06 7.80
N ILE A 96 -6.34 0.12 7.33
CA ILE A 96 -5.78 1.03 6.30
C ILE A 96 -5.64 0.37 4.94
N SER A 97 -6.03 1.16 3.90
CA SER A 97 -5.95 0.93 2.48
C SER A 97 -4.96 1.98 1.99
N LEU A 98 -3.86 1.52 1.33
CA LEU A 98 -2.81 2.35 0.78
C LEU A 98 -2.88 2.20 -0.72
N SER A 99 -2.59 3.29 -1.44
CA SER A 99 -2.41 3.28 -2.88
C SER A 99 -0.92 3.46 -3.06
N VAL A 100 -0.24 2.87 -4.04
CA VAL A 100 1.21 2.87 -4.36
C VAL A 100 2.10 4.11 -4.44
N ARG A 101 1.45 5.27 -4.51
CA ARG A 101 1.75 6.53 -5.18
C ARG A 101 3.03 7.31 -4.89
N ALA A 102 3.66 7.10 -3.71
CA ALA A 102 4.90 7.73 -3.21
C ALA A 102 4.73 9.17 -2.69
N LYS A 103 3.78 9.91 -3.28
CA LYS A 103 3.31 11.26 -3.01
C LYS A 103 2.43 11.53 -4.21
N ASP A 104 3.00 12.26 -5.19
CA ASP A 104 2.41 12.62 -6.48
C ASP A 104 3.55 13.36 -7.15
N GLU A 105 4.01 14.43 -6.45
CA GLU A 105 5.08 15.33 -6.79
C GLU A 105 5.48 15.86 -5.43
N ALA A 106 6.38 16.87 -5.35
CA ALA A 106 6.75 17.55 -4.13
C ALA A 106 6.94 19.01 -4.50
N ASP A 107 6.76 19.94 -3.52
CA ASP A 107 6.86 21.41 -3.62
C ASP A 107 5.49 22.06 -3.57
N GLU A 108 4.41 21.26 -3.78
CA GLU A 108 3.00 21.67 -3.65
C GLU A 108 2.45 21.12 -2.33
N LYS A 109 3.35 20.41 -1.61
CA LYS A 109 3.25 19.74 -0.35
C LYS A 109 4.75 19.62 0.04
N MET A 21 -3.23 -4.85 13.03
CA MET A 21 -2.38 -4.14 12.02
C MET A 21 -2.30 -2.66 12.24
N PHE A 22 -3.10 -1.82 11.52
CA PHE A 22 -3.14 -0.36 11.67
C PHE A 22 -3.70 0.05 13.00
N ASN A 23 -4.63 -0.80 13.54
CA ASN A 23 -5.60 -0.51 14.59
C ASN A 23 -4.97 0.20 15.87
N ASN A 24 -3.68 -0.17 16.13
CA ASN A 24 -2.59 0.21 17.03
C ASN A 24 -1.81 1.49 16.64
N TRP A 25 -1.37 1.51 15.36
CA TRP A 25 -0.56 2.44 14.56
C TRP A 25 -0.96 3.91 14.51
N VAL A 26 -2.30 4.18 14.60
CA VAL A 26 -3.04 5.48 14.51
C VAL A 26 -2.46 6.60 15.39
N ALA A 27 -1.86 6.16 16.52
CA ALA A 27 -1.07 6.88 17.49
C ALA A 27 0.27 7.47 16.96
N LEU A 28 0.94 6.80 15.98
CA LEU A 28 2.23 7.19 15.39
C LEU A 28 2.26 8.00 14.08
N ASN A 29 1.39 7.70 13.08
CA ASN A 29 1.43 8.33 11.76
C ASN A 29 0.08 8.93 11.34
N LYS A 30 0.08 9.90 10.40
CA LYS A 30 -1.10 10.62 9.94
C LYS A 30 -1.62 10.14 8.58
N LYS A 31 -2.96 10.20 8.35
CA LYS A 31 -3.64 10.01 7.07
C LYS A 31 -3.42 11.21 6.14
N GLY A 32 -2.90 10.98 4.90
CA GLY A 32 -2.34 12.01 4.02
C GLY A 32 -0.85 11.97 3.94
N ALA A 33 -0.22 11.08 4.75
CA ALA A 33 1.22 10.88 4.84
C ALA A 33 1.59 9.69 4.00
N ILE A 34 2.89 9.54 3.73
CA ILE A 34 3.50 8.54 2.85
C ILE A 34 4.44 7.61 3.58
N VAL A 35 4.41 6.28 3.33
CA VAL A 35 5.20 5.33 4.13
C VAL A 35 5.81 4.40 3.14
N THR A 36 6.82 3.60 3.53
CA THR A 36 7.35 2.58 2.60
C THR A 36 7.00 1.23 3.14
N GLY A 37 6.38 0.38 2.29
CA GLY A 37 5.99 -0.96 2.73
C GLY A 37 6.57 -2.02 1.86
N LYS A 38 6.54 -3.28 2.36
CA LYS A 38 7.13 -4.46 1.77
C LYS A 38 6.16 -5.52 1.40
N VAL A 39 6.34 -6.12 0.18
CA VAL A 39 5.45 -7.19 -0.36
C VAL A 39 5.46 -8.54 0.37
N THR A 40 4.25 -9.12 0.70
CA THR A 40 4.11 -10.34 1.52
C THR A 40 3.27 -11.49 0.97
N ALA A 41 2.07 -11.22 0.38
CA ALA A 41 1.16 -12.28 -0.02
C ALA A 41 0.21 -11.62 -0.98
N VAL A 42 -0.16 -12.30 -2.08
CA VAL A 42 -0.93 -11.71 -3.19
C VAL A 42 -2.31 -12.31 -3.47
N ASP A 43 -3.26 -11.45 -3.93
CA ASP A 43 -4.64 -11.78 -4.35
C ASP A 43 -4.65 -11.68 -5.86
N ALA A 44 -5.72 -12.10 -6.58
CA ALA A 44 -5.86 -12.03 -8.06
C ALA A 44 -5.55 -10.66 -8.72
N LYS A 45 -6.11 -9.56 -8.15
CA LYS A 45 -5.83 -8.15 -8.43
C LYS A 45 -5.02 -7.50 -7.31
N GLY A 46 -4.69 -8.31 -6.25
CA GLY A 46 -4.21 -7.89 -4.96
C GLY A 46 -2.76 -8.16 -4.73
N ALA A 47 -2.18 -7.32 -3.89
CA ALA A 47 -0.88 -7.51 -3.32
C ALA A 47 -1.09 -6.98 -1.94
N THR A 48 -0.55 -7.68 -0.94
CA THR A 48 -0.62 -7.25 0.45
C THR A 48 0.79 -6.84 0.82
N VAL A 49 0.86 -5.62 1.41
CA VAL A 49 2.08 -4.92 1.73
C VAL A 49 2.15 -4.85 3.23
N GLU A 50 3.36 -5.08 3.82
CA GLU A 50 3.68 -4.95 5.23
C GLU A 50 4.22 -3.55 5.45
N LEU A 51 3.57 -2.84 6.39
CA LEU A 51 3.65 -1.41 6.68
C LEU A 51 4.46 -1.07 7.90
N ALA A 52 4.99 -2.08 8.63
CA ALA A 52 5.89 -1.95 9.78
C ALA A 52 5.32 -1.49 11.11
N ASP A 53 5.87 -2.16 12.18
CA ASP A 53 5.50 -2.12 13.61
C ASP A 53 4.46 -3.22 13.86
N GLY A 54 4.27 -4.11 12.84
CA GLY A 54 3.26 -5.18 12.79
C GLY A 54 1.99 -4.70 12.13
N VAL A 55 2.14 -3.83 11.10
CA VAL A 55 1.11 -3.14 10.34
C VAL A 55 1.02 -3.64 8.92
N GLU A 56 -0.22 -3.67 8.36
CA GLU A 56 -0.55 -4.07 7.01
C GLU A 56 -1.37 -3.04 6.31
N GLY A 57 -1.30 -3.03 4.93
CA GLY A 57 -2.33 -2.27 4.16
C GLY A 57 -2.44 -2.86 2.74
N TYR A 58 -2.83 -2.10 1.67
CA TYR A 58 -3.02 -2.63 0.30
C TYR A 58 -2.05 -2.20 -0.79
N LEU A 59 -1.63 -3.15 -1.68
CA LEU A 59 -0.90 -2.77 -2.88
C LEU A 59 -1.81 -3.15 -4.06
N ARG A 60 -2.36 -2.13 -4.76
CA ARG A 60 -3.29 -2.29 -5.89
C ARG A 60 -2.56 -2.60 -7.19
N ALA A 61 -3.08 -3.60 -7.98
CA ALA A 61 -2.53 -4.01 -9.28
C ALA A 61 -2.75 -2.96 -10.37
N SER A 62 -3.95 -2.30 -10.35
CA SER A 62 -4.37 -1.19 -11.20
C SER A 62 -3.57 0.11 -11.09
N GLU A 63 -2.83 0.29 -9.96
CA GLU A 63 -2.07 1.48 -9.64
C GLU A 63 -0.58 1.32 -9.83
N ALA A 64 0.06 0.25 -9.29
CA ALA A 64 1.52 0.10 -9.38
C ALA A 64 1.99 -1.32 -9.74
N SER A 65 1.11 -2.24 -10.24
CA SER A 65 1.55 -3.64 -10.47
C SER A 65 0.72 -4.39 -11.48
N ARG A 66 0.88 -4.15 -12.79
CA ARG A 66 0.22 -4.93 -13.83
C ARG A 66 1.18 -4.97 -14.98
N ASP A 67 1.84 -6.14 -15.23
CA ASP A 67 2.73 -6.35 -16.38
C ASP A 67 2.01 -7.16 -17.45
N ARG A 68 1.16 -8.13 -17.02
CA ARG A 68 0.30 -8.92 -17.90
C ARG A 68 -0.79 -9.43 -17.00
N VAL A 69 -1.02 -10.79 -16.98
CA VAL A 69 -1.93 -11.54 -16.10
C VAL A 69 -1.25 -11.83 -14.74
N GLU A 70 0.00 -11.33 -14.63
CA GLU A 70 0.91 -11.35 -13.52
C GLU A 70 1.07 -9.87 -13.12
N ASP A 71 0.96 -9.53 -11.80
CA ASP A 71 1.07 -8.26 -11.13
C ASP A 71 2.38 -8.49 -10.43
N ALA A 72 2.27 -8.53 -9.10
CA ALA A 72 3.23 -8.94 -8.11
C ALA A 72 3.77 -10.37 -8.28
N THR A 73 3.16 -11.25 -9.14
CA THR A 73 3.68 -12.59 -9.36
C THR A 73 4.90 -12.64 -10.27
N LEU A 74 4.98 -11.79 -11.34
CA LEU A 74 6.19 -11.64 -12.15
C LEU A 74 7.26 -10.71 -11.59
N VAL A 75 6.81 -9.56 -11.03
CA VAL A 75 7.70 -8.48 -10.62
C VAL A 75 7.69 -8.11 -9.20
N LEU A 76 7.15 -8.97 -8.29
CA LEU A 76 7.57 -8.66 -6.94
C LEU A 76 7.98 -9.96 -6.27
N SER A 77 9.14 -9.81 -5.61
CA SER A 77 9.77 -10.77 -4.71
C SER A 77 9.43 -10.33 -3.28
N VAL A 78 9.09 -11.27 -2.35
CA VAL A 78 8.64 -11.03 -0.97
C VAL A 78 9.65 -10.28 -0.07
N GLY A 79 9.19 -9.16 0.54
CA GLY A 79 10.01 -8.27 1.35
C GLY A 79 10.54 -7.07 0.60
N ASP A 80 10.29 -6.95 -0.74
CA ASP A 80 10.71 -5.85 -1.59
C ASP A 80 9.68 -4.76 -1.52
N GLU A 81 10.19 -3.53 -1.26
CA GLU A 81 9.47 -2.35 -0.91
C GLU A 81 9.09 -1.35 -2.01
N VAL A 82 7.98 -0.60 -1.75
CA VAL A 82 7.48 0.51 -2.56
C VAL A 82 7.01 1.59 -1.59
N GLU A 83 6.84 2.85 -2.06
CA GLU A 83 6.33 4.00 -1.32
C GLU A 83 4.83 4.14 -1.55
N ALA A 84 3.99 4.33 -0.52
CA ALA A 84 2.53 4.36 -0.71
C ALA A 84 2.04 5.54 0.08
N LYS A 85 0.76 5.87 -0.15
CA LYS A 85 0.04 6.99 0.46
C LYS A 85 -0.83 6.41 1.55
N PHE A 86 -0.83 6.95 2.81
CA PHE A 86 -1.60 6.42 3.95
C PHE A 86 -2.85 7.29 3.94
N THR A 87 -4.01 6.74 3.47
CA THR A 87 -5.12 7.59 3.02
C THR A 87 -6.33 7.58 3.94
N GLY A 88 -6.82 6.39 4.33
CA GLY A 88 -8.00 6.26 5.20
C GLY A 88 -8.15 4.87 5.77
N VAL A 89 -9.13 4.68 6.69
CA VAL A 89 -9.49 3.41 7.37
C VAL A 89 -10.95 3.12 7.20
N ASP A 90 -11.28 1.80 7.01
CA ASP A 90 -12.64 1.32 6.93
C ASP A 90 -13.04 0.83 8.30
N ARG A 91 -14.20 1.33 8.80
CA ARG A 91 -14.79 1.12 10.12
C ARG A 91 -15.33 -0.26 10.42
N LYS A 92 -15.64 -1.04 9.35
CA LYS A 92 -16.14 -2.40 9.37
C LYS A 92 -15.02 -3.43 9.58
N ASN A 93 -13.82 -3.19 8.99
CA ASN A 93 -12.71 -4.13 9.01
C ASN A 93 -11.61 -3.73 9.98
N ARG A 94 -11.66 -2.44 10.44
CA ARG A 94 -10.73 -1.72 11.32
C ARG A 94 -9.28 -1.72 10.85
N ALA A 95 -9.07 -1.52 9.52
CA ALA A 95 -7.87 -1.54 8.77
C ALA A 95 -7.85 -0.35 7.83
N ILE A 96 -6.63 -0.12 7.31
CA ILE A 96 -6.13 0.94 6.42
C ILE A 96 -6.15 0.58 4.97
N SER A 97 -6.55 1.63 4.22
CA SER A 97 -6.65 1.81 2.81
C SER A 97 -5.55 2.82 2.56
N LEU A 98 -4.58 2.33 1.80
CA LEU A 98 -3.40 3.04 1.42
C LEU A 98 -3.26 2.65 0.02
N SER A 99 -2.87 3.62 -0.80
CA SER A 99 -2.74 3.46 -2.23
C SER A 99 -1.26 3.40 -2.51
N VAL A 100 -0.74 2.63 -3.46
CA VAL A 100 0.67 2.47 -3.90
C VAL A 100 1.58 3.66 -4.27
N ARG A 101 0.90 4.79 -4.47
CA ARG A 101 1.24 5.99 -5.23
C ARG A 101 2.13 7.04 -4.60
N ALA A 102 1.95 7.38 -3.29
CA ALA A 102 2.66 8.42 -2.52
C ALA A 102 2.35 9.88 -2.89
N LYS A 103 2.34 10.17 -4.20
CA LYS A 103 2.05 11.44 -4.81
C LYS A 103 1.00 11.23 -5.91
N ASP A 104 1.07 12.03 -7.00
CA ASP A 104 0.19 11.97 -8.17
C ASP A 104 1.04 12.16 -9.42
N GLU A 105 0.45 12.65 -10.53
CA GLU A 105 1.12 12.91 -11.80
C GLU A 105 0.28 13.96 -12.49
N ALA A 106 0.61 14.37 -13.73
CA ALA A 106 -0.14 15.34 -14.50
C ALA A 106 -0.60 14.73 -15.81
N ASP A 107 -1.90 14.91 -16.09
CA ASP A 107 -2.64 14.40 -17.23
C ASP A 107 -4.02 15.02 -17.10
N GLU A 108 -4.58 14.97 -15.88
CA GLU A 108 -5.90 15.52 -15.53
C GLU A 108 -5.73 16.25 -14.22
N LYS A 109 -5.11 17.44 -14.25
CA LYS A 109 -4.83 18.31 -13.14
C LYS A 109 -4.91 19.73 -13.74
N MET A 21 1.36 -0.34 13.36
CA MET A 21 1.54 0.67 12.28
C MET A 21 0.63 1.83 12.54
N PHE A 22 -0.28 2.07 11.56
CA PHE A 22 -1.40 2.99 11.45
C PHE A 22 -2.32 2.90 12.63
N ASN A 23 -2.62 1.68 13.15
CA ASN A 23 -3.47 1.43 14.31
C ASN A 23 -3.11 2.29 15.58
N ASN A 24 -1.78 2.40 15.86
CA ASN A 24 -1.06 3.33 16.74
C ASN A 24 -0.80 4.76 16.17
N TRP A 25 -0.20 4.83 14.94
CA TRP A 25 0.28 5.95 14.10
C TRP A 25 -0.74 7.02 13.78
N VAL A 26 -2.05 6.63 13.64
CA VAL A 26 -3.27 7.40 13.39
C VAL A 26 -3.48 8.60 14.31
N ALA A 27 -2.99 8.51 15.58
CA ALA A 27 -2.94 9.59 16.57
C ALA A 27 -1.92 10.69 16.22
N LEU A 28 -0.78 10.33 15.56
CA LEU A 28 0.21 11.26 15.05
C LEU A 28 0.04 11.61 13.55
N ASN A 29 -0.31 10.63 12.68
CA ASN A 29 -0.45 10.79 11.24
C ASN A 29 -1.79 10.31 10.66
N LYS A 30 -2.45 11.23 9.91
CA LYS A 30 -3.69 11.13 9.14
C LYS A 30 -3.43 11.09 7.63
N LYS A 31 -4.43 10.55 6.88
CA LYS A 31 -4.55 10.30 5.43
C LYS A 31 -4.24 11.46 4.47
N GLY A 32 -3.64 11.13 3.28
CA GLY A 32 -3.03 12.07 2.34
C GLY A 32 -1.53 12.01 2.38
N ALA A 33 -1.00 11.20 3.32
CA ALA A 33 0.40 10.94 3.59
C ALA A 33 0.86 9.75 2.79
N ILE A 34 2.19 9.53 2.66
CA ILE A 34 2.83 8.51 1.82
C ILE A 34 3.61 7.49 2.63
N VAL A 35 3.55 6.16 2.33
CA VAL A 35 4.18 5.15 3.15
C VAL A 35 5.10 4.44 2.24
N THR A 36 6.23 3.90 2.74
CA THR A 36 7.01 2.96 1.93
C THR A 36 6.73 1.64 2.59
N GLY A 37 6.32 0.60 1.86
CA GLY A 37 6.14 -0.68 2.58
C GLY A 37 6.34 -1.89 1.74
N LYS A 38 6.44 -3.05 2.41
CA LYS A 38 6.82 -4.33 1.78
C LYS A 38 5.77 -5.38 1.65
N VAL A 39 5.79 -6.02 0.44
CA VAL A 39 4.87 -7.11 0.04
C VAL A 39 5.07 -8.43 0.81
N THR A 40 3.97 -9.00 1.37
CA THR A 40 3.93 -10.28 2.09
C THR A 40 2.77 -11.16 1.64
N ALA A 41 1.84 -10.64 0.79
CA ALA A 41 0.66 -11.38 0.37
C ALA A 41 0.22 -10.66 -0.87
N VAL A 42 -0.49 -11.38 -1.76
CA VAL A 42 -0.96 -10.87 -3.05
C VAL A 42 -2.48 -10.85 -3.19
N ASP A 43 -3.03 -9.78 -3.87
CA ASP A 43 -4.40 -9.61 -4.28
C ASP A 43 -4.38 -9.82 -5.77
N ALA A 44 -5.54 -10.00 -6.47
CA ALA A 44 -5.61 -10.22 -7.93
C ALA A 44 -4.95 -9.11 -8.78
N LYS A 45 -5.24 -7.86 -8.39
CA LYS A 45 -4.72 -6.60 -8.88
C LYS A 45 -3.74 -5.96 -7.88
N GLY A 46 -3.47 -6.64 -6.72
CA GLY A 46 -2.97 -6.07 -5.50
C GLY A 46 -1.79 -6.71 -4.88
N ALA A 47 -1.26 -6.02 -3.85
CA ALA A 47 -0.29 -6.56 -2.98
C ALA A 47 -0.69 -5.98 -1.65
N THR A 48 -0.64 -6.89 -0.65
CA THR A 48 -0.96 -6.67 0.76
C THR A 48 0.38 -6.47 1.43
N VAL A 49 0.58 -5.28 2.03
CA VAL A 49 1.86 -4.79 2.54
C VAL A 49 1.90 -4.91 4.01
N GLU A 50 3.10 -5.27 4.53
CA GLU A 50 3.41 -5.31 5.94
C GLU A 50 4.05 -4.02 6.37
N LEU A 51 3.37 -3.42 7.38
CA LEU A 51 3.65 -2.18 8.02
C LEU A 51 3.97 -2.42 9.50
N ALA A 52 3.53 -3.62 10.04
CA ALA A 52 3.74 -4.12 11.39
C ALA A 52 2.82 -3.64 12.50
N ASP A 53 2.93 -4.38 13.64
CA ASP A 53 2.13 -4.35 14.86
C ASP A 53 0.89 -5.23 14.66
N GLY A 54 0.97 -6.17 13.67
CA GLY A 54 -0.07 -7.15 13.33
C GLY A 54 -0.90 -6.78 12.11
N VAL A 55 -1.12 -5.47 11.92
CA VAL A 55 -1.95 -4.84 10.91
C VAL A 55 -1.20 -4.52 9.60
N GLU A 56 -1.87 -4.81 8.46
CA GLU A 56 -1.40 -4.77 7.08
C GLU A 56 -2.32 -3.93 6.20
N GLY A 57 -1.75 -3.36 5.10
CA GLY A 57 -2.50 -2.52 4.14
C GLY A 57 -2.37 -2.92 2.68
N TYR A 58 -2.69 -2.01 1.70
CA TYR A 58 -2.59 -2.23 0.24
C TYR A 58 -1.44 -1.51 -0.43
N LEU A 59 -0.47 -2.27 -0.99
CA LEU A 59 0.59 -1.73 -1.83
C LEU A 59 0.77 -2.70 -2.97
N ARG A 60 0.36 -2.36 -4.20
CA ARG A 60 0.75 -2.94 -5.49
C ARG A 60 2.07 -2.25 -5.87
N ALA A 61 3.13 -2.95 -6.33
CA ALA A 61 4.43 -2.28 -6.50
C ALA A 61 4.70 -1.32 -7.67
N SER A 62 4.40 -1.68 -8.95
CA SER A 62 4.61 -0.79 -10.11
C SER A 62 3.54 0.27 -10.36
N GLU A 63 2.25 -0.09 -10.23
CA GLU A 63 1.11 0.78 -10.51
C GLU A 63 -0.11 0.03 -10.03
N ALA A 64 -0.60 -0.92 -10.85
CA ALA A 64 -1.65 -1.86 -10.51
C ALA A 64 -0.98 -3.25 -10.55
N SER A 65 -1.49 -4.24 -11.33
CA SER A 65 -0.91 -5.58 -11.52
C SER A 65 -1.99 -6.19 -12.38
N ARG A 66 -2.24 -7.53 -12.29
CA ARG A 66 -3.24 -8.34 -12.99
C ARG A 66 -4.71 -7.93 -12.82
N ASP A 67 -5.06 -6.79 -13.48
CA ASP A 67 -6.38 -6.15 -13.55
C ASP A 67 -6.96 -6.29 -14.94
N ARG A 68 -6.67 -7.45 -15.60
CA ARG A 68 -7.06 -7.92 -16.94
C ARG A 68 -5.92 -7.78 -17.96
N VAL A 69 -4.68 -7.50 -17.49
CA VAL A 69 -3.47 -7.42 -18.28
C VAL A 69 -2.41 -7.48 -17.20
N GLU A 70 -1.17 -7.93 -17.52
CA GLU A 70 -0.07 -7.99 -16.56
C GLU A 70 0.56 -6.57 -16.45
N ASP A 71 0.74 -6.05 -15.20
CA ASP A 71 1.41 -4.81 -14.87
C ASP A 71 2.48 -5.35 -14.01
N ALA A 72 2.40 -4.99 -12.73
CA ALA A 72 3.12 -5.47 -11.59
C ALA A 72 3.27 -6.98 -11.35
N THR A 73 2.58 -7.95 -12.03
CA THR A 73 2.60 -9.37 -11.61
C THR A 73 3.93 -10.11 -11.63
N LEU A 74 4.83 -9.79 -12.59
CA LEU A 74 6.24 -10.22 -12.59
C LEU A 74 7.17 -9.31 -11.73
N VAL A 75 6.85 -7.99 -11.70
CA VAL A 75 7.52 -6.82 -11.13
C VAL A 75 7.01 -6.36 -9.78
N LEU A 76 6.32 -7.30 -9.11
CA LEU A 76 6.24 -7.15 -7.69
C LEU A 76 6.61 -8.54 -7.24
N SER A 77 7.52 -8.55 -6.28
CA SER A 77 8.00 -9.69 -5.54
C SER A 77 7.52 -9.51 -4.13
N VAL A 78 7.30 -10.62 -3.39
CA VAL A 78 7.07 -10.68 -1.95
C VAL A 78 8.43 -10.47 -1.26
N GLY A 79 8.55 -9.44 -0.39
CA GLY A 79 9.82 -9.04 0.19
C GLY A 79 10.38 -7.78 -0.43
N ASP A 80 9.70 -7.20 -1.46
CA ASP A 80 10.12 -5.99 -2.15
C ASP A 80 9.24 -4.88 -1.61
N GLU A 81 9.82 -3.68 -1.41
CA GLU A 81 9.17 -2.52 -0.85
C GLU A 81 9.14 -1.32 -1.81
N VAL A 82 7.94 -0.68 -1.94
CA VAL A 82 7.56 0.41 -2.85
C VAL A 82 6.67 1.38 -2.09
N GLU A 83 6.45 2.61 -2.62
CA GLU A 83 5.71 3.75 -2.05
C GLU A 83 4.23 3.91 -2.44
N ALA A 84 3.34 4.10 -1.45
CA ALA A 84 1.88 4.27 -1.74
C ALA A 84 1.36 5.39 -0.90
N LYS A 85 0.12 5.79 -1.20
CA LYS A 85 -0.61 6.90 -0.63
C LYS A 85 -1.56 6.39 0.43
N PHE A 86 -1.61 7.03 1.64
CA PHE A 86 -2.38 6.56 2.80
C PHE A 86 -3.71 7.30 2.73
N THR A 87 -4.84 6.57 2.40
CA THR A 87 -6.02 7.32 1.94
C THR A 87 -7.38 6.72 2.25
N GLY A 88 -7.44 5.62 3.02
CA GLY A 88 -8.68 4.99 3.47
C GLY A 88 -8.38 3.99 4.55
N VAL A 89 -9.18 3.95 5.66
CA VAL A 89 -9.00 3.02 6.79
C VAL A 89 -10.32 2.31 7.05
N ASP A 90 -10.26 1.01 7.41
CA ASP A 90 -11.45 0.25 7.80
C ASP A 90 -11.57 0.28 9.33
N ARG A 91 -12.75 0.69 9.86
CA ARG A 91 -13.07 0.82 11.28
C ARG A 91 -13.21 -0.50 12.06
N LYS A 92 -13.39 -1.61 11.30
CA LYS A 92 -13.48 -2.99 11.76
C LYS A 92 -12.12 -3.64 12.02
N ASN A 93 -11.06 -3.29 11.24
CA ASN A 93 -9.74 -3.90 11.46
C ASN A 93 -8.76 -2.95 12.12
N ARG A 94 -9.11 -1.63 12.10
CA ARG A 94 -8.34 -0.45 12.50
C ARG A 94 -7.00 -0.34 11.74
N ALA A 95 -7.07 -0.60 10.41
CA ALA A 95 -6.01 -0.71 9.47
C ALA A 95 -6.38 0.09 8.22
N ILE A 96 -5.33 0.37 7.44
CA ILE A 96 -5.12 1.19 6.24
C ILE A 96 -5.21 0.48 4.88
N SER A 97 -5.81 1.18 3.91
CA SER A 97 -5.92 0.94 2.49
C SER A 97 -5.09 2.08 1.88
N LEU A 98 -4.17 1.69 0.97
CA LEU A 98 -3.29 2.61 0.28
C LEU A 98 -3.49 2.38 -1.20
N SER A 99 -3.39 3.46 -2.01
CA SER A 99 -3.34 3.37 -3.47
C SER A 99 -1.90 3.69 -3.81
N VAL A 100 -1.27 3.11 -4.82
CA VAL A 100 0.12 3.12 -5.27
C VAL A 100 0.96 4.43 -5.43
N ARG A 101 0.19 5.50 -5.46
CA ARG A 101 0.30 6.79 -6.13
C ARG A 101 1.43 7.77 -5.86
N ALA A 102 1.82 7.96 -4.57
CA ALA A 102 2.77 8.97 -4.06
C ALA A 102 2.21 10.41 -4.06
N LYS A 103 1.69 10.87 -5.21
CA LYS A 103 1.07 12.17 -5.43
C LYS A 103 -0.34 11.95 -5.98
N ASP A 104 -0.95 13.00 -6.61
CA ASP A 104 -2.28 12.98 -7.24
C ASP A 104 -3.43 13.08 -6.23
N GLU A 105 -3.71 14.30 -5.73
CA GLU A 105 -4.75 14.58 -4.76
C GLU A 105 -5.51 15.79 -5.28
N ALA A 106 -6.85 15.82 -5.11
CA ALA A 106 -7.79 16.87 -5.52
C ALA A 106 -8.15 16.94 -7.00
N ASP A 107 -7.17 16.76 -7.93
CA ASP A 107 -7.34 16.71 -9.38
C ASP A 107 -7.72 15.31 -9.90
N GLU A 108 -8.39 14.53 -9.03
CA GLU A 108 -8.85 13.17 -9.26
C GLU A 108 -10.05 12.98 -8.34
N LYS A 109 -10.93 13.99 -8.33
CA LYS A 109 -12.16 14.10 -7.57
C LYS A 109 -13.09 14.92 -8.51
N MET A 21 -2.93 -3.73 14.37
CA MET A 21 -2.52 -3.20 13.03
C MET A 21 -2.32 -1.72 13.13
N PHE A 22 -2.87 -0.93 12.13
CA PHE A 22 -3.01 0.52 12.18
C PHE A 22 -4.00 0.91 13.27
N ASN A 23 -4.98 0.01 13.55
CA ASN A 23 -6.10 0.10 14.49
C ASN A 23 -5.62 0.55 15.92
N ASN A 24 -4.38 0.13 16.32
CA ASN A 24 -3.50 0.54 17.43
C ASN A 24 -2.71 1.87 17.21
N TRP A 25 -1.99 1.92 16.05
CA TRP A 25 -1.10 2.91 15.42
C TRP A 25 -1.69 4.32 15.21
N VAL A 26 -3.03 4.35 14.94
CA VAL A 26 -3.94 5.46 14.64
C VAL A 26 -3.88 6.62 15.63
N ALA A 27 -3.56 6.31 16.90
CA ALA A 27 -3.32 7.21 18.02
C ALA A 27 -1.98 7.98 17.96
N LEU A 28 -0.98 7.47 17.19
CA LEU A 28 0.36 8.05 17.03
C LEU A 28 0.59 8.97 15.83
N ASN A 29 0.02 8.60 14.65
CA ASN A 29 0.24 9.22 13.33
C ASN A 29 -1.03 9.63 12.59
N LYS A 30 -0.93 10.60 11.67
CA LYS A 30 -2.00 11.07 10.81
C LYS A 30 -1.86 10.62 9.35
N LYS A 31 -3.03 10.36 8.70
CA LYS A 31 -3.30 9.98 7.32
C LYS A 31 -3.11 11.11 6.28
N GLY A 32 -2.63 10.75 5.04
CA GLY A 32 -2.14 11.70 4.02
C GLY A 32 -0.64 11.69 3.88
N ALA A 33 -0.02 10.89 4.77
CA ALA A 33 1.39 10.73 5.04
C ALA A 33 1.81 9.52 4.28
N ILE A 34 2.96 9.62 3.56
CA ILE A 34 3.46 8.62 2.64
C ILE A 34 4.36 7.66 3.38
N VAL A 35 4.22 6.31 3.19
CA VAL A 35 4.91 5.40 4.11
C VAL A 35 5.37 4.31 3.20
N THR A 36 6.50 3.64 3.51
CA THR A 36 7.00 2.56 2.67
C THR A 36 6.85 1.22 3.34
N GLY A 37 6.26 0.27 2.57
CA GLY A 37 6.03 -1.09 3.06
C GLY A 37 6.59 -2.12 2.14
N LYS A 38 6.61 -3.40 2.60
CA LYS A 38 7.15 -4.54 1.85
C LYS A 38 6.13 -5.50 1.38
N VAL A 39 6.37 -6.06 0.16
CA VAL A 39 5.46 -7.01 -0.51
C VAL A 39 5.71 -8.42 -0.03
N THR A 40 4.61 -9.05 0.46
CA THR A 40 4.60 -10.29 1.24
C THR A 40 3.85 -11.48 0.63
N ALA A 41 2.72 -11.22 -0.06
CA ALA A 41 1.85 -12.27 -0.56
C ALA A 41 0.94 -11.56 -1.49
N VAL A 42 0.47 -12.24 -2.55
CA VAL A 42 -0.34 -11.63 -3.61
C VAL A 42 -1.73 -12.20 -3.73
N ASP A 43 -2.69 -11.31 -4.13
CA ASP A 43 -4.10 -11.59 -4.37
C ASP A 43 -4.32 -11.58 -5.87
N ALA A 44 -5.49 -12.03 -6.38
CA ALA A 44 -5.88 -12.06 -7.80
C ALA A 44 -5.76 -10.73 -8.56
N LYS A 45 -6.16 -9.62 -7.88
CA LYS A 45 -6.01 -8.22 -8.28
C LYS A 45 -4.92 -7.54 -7.42
N GLY A 46 -4.31 -8.31 -6.49
CA GLY A 46 -3.68 -7.79 -5.30
C GLY A 46 -2.25 -8.09 -5.08
N ALA A 47 -1.71 -7.27 -4.17
CA ALA A 47 -0.43 -7.37 -3.57
C ALA A 47 -0.81 -6.95 -2.18
N THR A 48 -0.37 -7.72 -1.17
CA THR A 48 -0.58 -7.42 0.23
C THR A 48 0.78 -6.97 0.73
N VAL A 49 0.79 -5.80 1.40
CA VAL A 49 1.98 -5.08 1.80
C VAL A 49 2.03 -5.06 3.30
N GLU A 50 3.27 -5.16 3.85
CA GLU A 50 3.58 -5.03 5.26
C GLU A 50 4.17 -3.67 5.51
N LEU A 51 3.47 -2.86 6.33
CA LEU A 51 3.73 -1.49 6.70
C LEU A 51 4.70 -1.37 7.88
N ALA A 52 4.82 -2.47 8.67
CA ALA A 52 5.72 -2.62 9.83
C ALA A 52 5.24 -1.98 11.11
N ASP A 53 5.91 -2.37 12.25
CA ASP A 53 5.54 -2.04 13.63
C ASP A 53 4.31 -2.85 14.09
N GLY A 54 3.88 -3.81 13.23
CA GLY A 54 2.68 -4.64 13.36
C GLY A 54 1.52 -4.22 12.48
N VAL A 55 1.76 -3.38 11.43
CA VAL A 55 0.74 -2.86 10.51
C VAL A 55 0.76 -3.56 9.14
N GLU A 56 -0.43 -3.96 8.58
CA GLU A 56 -0.59 -4.51 7.24
C GLU A 56 -1.64 -3.77 6.47
N GLY A 57 -1.62 -3.73 5.10
CA GLY A 57 -2.65 -2.94 4.38
C GLY A 57 -2.70 -3.43 2.93
N TYR A 58 -3.13 -2.60 1.93
CA TYR A 58 -3.26 -2.95 0.49
C TYR A 58 -2.23 -2.39 -0.52
N LEU A 59 -1.76 -3.21 -1.50
CA LEU A 59 -0.92 -2.70 -2.57
C LEU A 59 -1.55 -3.05 -3.92
N ARG A 60 -1.77 -2.07 -4.85
CA ARG A 60 -2.39 -2.32 -6.14
C ARG A 60 -1.41 -2.90 -7.16
N ALA A 61 -1.88 -3.94 -7.90
CA ALA A 61 -1.16 -4.68 -8.93
C ALA A 61 -0.98 -3.89 -10.22
N SER A 62 -1.95 -3.00 -10.52
CA SER A 62 -2.05 -2.07 -11.64
C SER A 62 -1.22 -0.79 -11.51
N GLU A 63 -1.12 -0.22 -10.28
CA GLU A 63 -0.46 1.05 -9.96
C GLU A 63 1.06 0.98 -9.79
N ALA A 64 1.58 -0.23 -9.45
CA ALA A 64 2.98 -0.52 -9.25
C ALA A 64 3.46 -1.43 -10.37
N SER A 65 3.72 -0.85 -11.57
CA SER A 65 4.13 -1.63 -12.73
C SER A 65 5.17 -0.93 -13.59
N ARG A 66 4.70 -0.25 -14.67
CA ARG A 66 5.39 0.49 -15.72
C ARG A 66 5.79 -0.39 -16.92
N ASP A 67 4.89 -1.32 -17.30
CA ASP A 67 5.09 -2.29 -18.39
C ASP A 67 3.78 -2.63 -19.10
N ARG A 68 3.27 -3.91 -19.05
CA ARG A 68 2.04 -4.29 -19.77
C ARG A 68 1.32 -5.52 -19.20
N VAL A 69 1.45 -6.72 -19.86
CA VAL A 69 0.81 -8.04 -19.67
C VAL A 69 0.86 -8.66 -18.27
N GLU A 70 2.04 -8.49 -17.63
CA GLU A 70 2.39 -8.74 -16.24
C GLU A 70 2.57 -7.27 -15.85
N ASP A 71 1.96 -6.79 -14.73
CA ASP A 71 1.95 -5.43 -14.20
C ASP A 71 2.90 -5.57 -13.06
N ALA A 72 2.39 -5.42 -11.83
CA ALA A 72 3.06 -5.81 -10.58
C ALA A 72 3.60 -7.24 -10.50
N THR A 73 3.21 -8.17 -11.45
CA THR A 73 3.74 -9.53 -11.49
C THR A 73 5.16 -9.59 -12.04
N LEU A 74 5.55 -8.60 -12.90
CA LEU A 74 6.89 -8.48 -13.47
C LEU A 74 7.97 -7.85 -12.57
N VAL A 75 7.67 -6.75 -11.83
CA VAL A 75 8.67 -6.06 -11.00
C VAL A 75 8.44 -6.11 -9.55
N LEU A 76 7.55 -7.01 -9.06
CA LEU A 76 7.59 -7.13 -7.62
C LEU A 76 7.66 -8.59 -7.28
N SER A 77 8.61 -8.76 -6.37
CA SER A 77 9.04 -9.92 -5.62
C SER A 77 8.54 -9.81 -4.20
N VAL A 78 8.47 -10.96 -3.47
CA VAL A 78 8.23 -10.99 -2.03
C VAL A 78 9.51 -10.54 -1.31
N GLY A 79 9.42 -9.47 -0.48
CA GLY A 79 10.60 -8.85 0.14
C GLY A 79 10.98 -7.54 -0.50
N ASP A 80 10.28 -7.11 -1.58
CA ASP A 80 10.52 -5.87 -2.32
C ASP A 80 9.61 -4.80 -1.79
N GLU A 81 10.17 -3.58 -1.52
CA GLU A 81 9.48 -2.45 -0.92
C GLU A 81 8.92 -1.40 -1.89
N VAL A 82 7.80 -0.73 -1.52
CA VAL A 82 7.16 0.29 -2.34
C VAL A 82 6.72 1.40 -1.40
N GLU A 83 6.51 2.63 -1.93
CA GLU A 83 6.08 3.83 -1.19
C GLU A 83 4.61 4.09 -1.49
N ALA A 84 3.71 4.26 -0.50
CA ALA A 84 2.27 4.38 -0.79
C ALA A 84 1.71 5.47 0.08
N LYS A 85 0.46 5.88 -0.25
CA LYS A 85 -0.22 7.00 0.39
C LYS A 85 -1.18 6.44 1.40
N PHE A 86 -0.95 6.77 2.72
CA PHE A 86 -1.69 6.14 3.84
C PHE A 86 -2.82 7.10 4.17
N THR A 87 -4.10 6.79 3.77
CA THR A 87 -5.14 7.83 3.69
C THR A 87 -6.45 7.57 4.38
N GLY A 88 -7.05 6.36 4.24
CA GLY A 88 -8.35 6.08 4.87
C GLY A 88 -8.36 4.76 5.58
N VAL A 89 -9.36 4.58 6.47
CA VAL A 89 -9.66 3.37 7.23
C VAL A 89 -11.11 3.07 7.00
N ASP A 90 -11.44 1.76 6.87
CA ASP A 90 -12.81 1.30 6.81
C ASP A 90 -13.23 1.04 8.24
N ARG A 91 -14.37 1.64 8.68
CA ARG A 91 -14.89 1.61 10.03
C ARG A 91 -15.43 0.25 10.52
N LYS A 92 -15.69 -0.66 9.57
CA LYS A 92 -16.17 -2.03 9.76
C LYS A 92 -15.04 -2.99 10.12
N ASN A 93 -13.83 -2.83 9.53
CA ASN A 93 -12.72 -3.73 9.78
C ASN A 93 -11.66 -3.11 10.68
N ARG A 94 -11.76 -1.77 10.84
CA ARG A 94 -10.88 -0.81 11.52
C ARG A 94 -9.43 -0.86 11.03
N ALA A 95 -9.19 -0.95 9.70
CA ALA A 95 -7.92 -1.13 9.07
C ALA A 95 -7.89 -0.14 7.94
N ILE A 96 -6.66 0.08 7.43
CA ILE A 96 -6.16 1.09 6.49
C ILE A 96 -6.16 0.67 5.04
N SER A 97 -6.57 1.68 4.23
CA SER A 97 -6.71 1.83 2.82
C SER A 97 -5.67 2.87 2.47
N LEU A 98 -4.72 2.39 1.66
CA LEU A 98 -3.57 3.10 1.24
C LEU A 98 -3.36 2.63 -0.14
N SER A 99 -3.10 3.58 -1.06
CA SER A 99 -2.91 3.31 -2.48
C SER A 99 -1.43 3.51 -2.76
N VAL A 100 -0.77 2.77 -3.65
CA VAL A 100 0.67 2.75 -4.05
C VAL A 100 1.47 4.02 -4.40
N ARG A 101 0.70 5.06 -4.62
CA ARG A 101 0.89 6.23 -5.47
C ARG A 101 1.73 7.44 -5.06
N ALA A 102 1.95 7.70 -3.74
CA ALA A 102 2.71 8.84 -3.21
C ALA A 102 2.08 10.25 -3.31
N LYS A 103 1.70 10.70 -4.53
CA LYS A 103 1.13 12.02 -4.75
C LYS A 103 0.22 12.00 -5.95
N ASP A 104 -1.14 11.99 -5.72
CA ASP A 104 -2.24 12.03 -6.69
C ASP A 104 -2.32 10.84 -7.65
N GLU A 105 -1.86 11.05 -8.92
CA GLU A 105 -1.79 10.01 -9.92
C GLU A 105 -0.80 10.44 -10.97
N ALA A 106 0.22 9.58 -11.25
CA ALA A 106 1.24 9.77 -12.28
C ALA A 106 2.16 8.55 -12.27
N ASP A 107 2.98 8.38 -13.35
CA ASP A 107 3.98 7.32 -13.61
C ASP A 107 3.48 6.32 -14.63
N GLU A 108 2.13 6.22 -14.77
CA GLU A 108 1.38 5.45 -15.74
C GLU A 108 0.99 6.35 -16.93
N LYS A 109 1.41 7.62 -16.81
CA LYS A 109 1.27 8.76 -17.66
C LYS A 109 2.33 9.74 -17.10
#